data_5OWY
#
_entry.id   5OWY
#
_cell.length_a   128.460
_cell.length_b   128.460
_cell.length_c   116.190
_cell.angle_alpha   90.00
_cell.angle_beta   90.00
_cell.angle_gamma   90.00
#
_symmetry.space_group_name_H-M   'P 43 21 2'
#
loop_
_entity.id
_entity.type
_entity.pdbx_description
1 polymer 'Glycogen phosphorylase, muscle form'
2 non-polymer "PYRIDOXAL-5'-PHOSPHATE"
3 non-polymer '4-[5-[(2~{S},3~{R},4~{R},5~{S},6~{R})-6-(hydroxymethyl)-3,4,5-tris(oxidanyl)oxan-2-yl]-4~{H}-1,2,4-triazol-3-yl]benzoic acid'
4 non-polymer 'INOSINIC ACID'
5 water water
#
_entity_poly.entity_id   1
_entity_poly.type   'polypeptide(L)'
_entity_poly.pdbx_seq_one_letter_code
;MSRPLSDQEKRKQISVRGLAGVENVTELKKNFNRHLHFTLVKDRNVATPRDYYFALAHTVRDHLVGRWIRTQQHYYEKDP
KRIYYLSLEFYMGRTLQNTMVNLALENACDEATYQLGLDMEELEEIEEDAGLGNGGLGRLAACFLDSMATLGLAAYGYGI
RYEFGIFNQKICGGWQMEEADDWLRYGNPWEKARPEFTLPVHFYGRVEHTSQGAKWVDTQVVLAMPYDTPVPGYRNNVVN
TMRLWSAKAPNDFNLKDFNVGGYIQAVLDRNLAENISRVLYPNDNFFEGKELRLKQEYFVVAATLQDIIRRFKSSKFGCR
DPVRTNFDAFPDKVAIQLNDTHPSLAIPELMRVLVDLERLDWDKAWEVTVKTCAYTNHTVLPEALERWPVHLLETLLPRH
LQIIYEINQRFLNRVAAAFPGDVDRLRRMSLVEEGAVKRINMAHLCIAGSHAVNGVARIHSEILKKTIFKDFYELEPHKF
QNKTNGITPRRWLVLCNPGLAEIIAERIGEEYISDLDQLRKLLSYVDDEAFIRDVAKVKQENKLKFAAYLEREYKVHINP
NSLFDVQVKRIHEYKRQLLNCLHVITLYNRIKKEPNKFVVPRTVMIGGKAAPGYHMAKMIIKLITAIGDVVNHDPVVGDR
LRVIFLENYRVSLAEKVIPAADLSEQISTAGTEASGTGNMKFMLNGALTIGTMDGANVEMAEEAGEENFFIFGMRVEDVD
RLDQRGYNAQEYYDRIPELRQIIEQLSSGFFSPKQPDLFKDIVNMLMHHDRFKVFADYEEYVKCQERVSALYKNPREWTR
MVIRNIATSGKFSSDRTIAQYAREIWGVEPSRQRLPAPDEKIP
;
_entity_poly.pdbx_strand_id   A
#
loop_
_chem_comp.id
_chem_comp.type
_chem_comp.name
_chem_comp.formula
B0W non-polymer '4-[5-[(2~{S},3~{R},4~{R},5~{S},6~{R})-6-(hydroxymethyl)-3,4,5-tris(oxidanyl)oxan-2-yl]-4~{H}-1,2,4-triazol-3-yl]benzoic acid' 'C15 H17 N3 O7'
IMP non-polymer 'INOSINIC ACID' 'C10 H13 N4 O8 P'
PLP non-polymer PYRIDOXAL-5'-PHOSPHATE 'C8 H10 N O6 P'
#
# COMPACT_ATOMS: atom_id res chain seq x y z
N GLN A 13 -1.24 14.44 -28.49
CA GLN A 13 -1.85 13.36 -29.36
C GLN A 13 -3.21 12.80 -28.86
N ILE A 14 -3.33 12.49 -27.56
CA ILE A 14 -4.59 11.95 -26.97
C ILE A 14 -5.24 12.99 -26.04
N SER A 15 -6.57 13.05 -26.10
CA SER A 15 -7.35 14.12 -25.49
CA SER A 15 -7.39 14.11 -25.48
C SER A 15 -7.19 14.24 -23.97
N VAL A 16 -7.27 13.13 -23.25
CA VAL A 16 -7.15 13.13 -21.77
C VAL A 16 -5.80 13.65 -21.23
N ARG A 17 -4.78 13.75 -22.08
CA ARG A 17 -3.49 14.31 -21.68
C ARG A 17 -3.40 15.86 -21.78
N GLY A 18 -4.48 16.51 -22.22
CA GLY A 18 -4.62 17.96 -22.16
C GLY A 18 -4.16 18.69 -23.41
N LEU A 19 -4.14 20.01 -23.33
CA LEU A 19 -3.80 20.86 -24.49
C LEU A 19 -2.29 21.14 -24.59
N ALA A 20 -1.79 21.23 -25.82
CA ALA A 20 -0.43 21.64 -26.09
C ALA A 20 -0.49 22.98 -26.84
N GLY A 21 -0.86 24.03 -26.12
CA GLY A 21 -0.89 25.39 -26.68
C GLY A 21 0.49 25.98 -26.98
N VAL A 22 0.59 26.71 -28.08
CA VAL A 22 1.86 27.30 -28.54
C VAL A 22 2.60 28.08 -27.45
N GLU A 23 1.85 28.87 -26.66
CA GLU A 23 2.43 29.71 -25.59
C GLU A 23 3.02 28.83 -24.49
N ASN A 24 2.22 27.87 -24.05
CA ASN A 24 2.62 26.90 -23.04
C ASN A 24 3.88 26.14 -23.43
N VAL A 25 3.90 25.61 -24.66
CA VAL A 25 5.04 24.82 -25.15
C VAL A 25 6.31 25.66 -25.20
N THR A 26 6.18 26.87 -25.74
CA THR A 26 7.29 27.82 -25.80
C THR A 26 7.88 28.11 -24.39
N GLU A 27 6.99 28.34 -23.43
CA GLU A 27 7.38 28.66 -22.07
C GLU A 27 8.08 27.47 -21.39
N LEU A 28 7.54 26.26 -21.58
CA LEU A 28 8.17 25.05 -21.07
C LEU A 28 9.57 24.81 -21.64
N LYS A 29 9.74 25.03 -22.94
CA LYS A 29 11.08 24.92 -23.56
C LYS A 29 12.09 25.90 -22.99
N LYS A 30 11.68 27.16 -22.87
CA LYS A 30 12.49 28.19 -22.24
C LYS A 30 12.95 27.80 -20.80
N ASN A 31 12.01 27.37 -19.99
CA ASN A 31 12.29 27.02 -18.61
C ASN A 31 13.13 25.76 -18.48
N PHE A 32 12.90 24.79 -19.37
CA PHE A 32 13.74 23.59 -19.43
C PHE A 32 15.21 23.99 -19.66
N ASN A 33 15.45 24.82 -20.66
CA ASN A 33 16.81 25.29 -20.96
C ASN A 33 17.40 26.12 -19.82
N ARG A 34 16.56 26.92 -19.14
CA ARG A 34 16.98 27.69 -17.98
C ARG A 34 17.46 26.78 -16.85
N HIS A 35 16.67 25.76 -16.51
CA HIS A 35 17.09 24.80 -15.48
C HIS A 35 18.34 24.01 -15.87
N LEU A 36 18.45 23.60 -17.12
CA LEU A 36 19.61 22.84 -17.55
C LEU A 36 20.89 23.66 -17.32
N HIS A 37 20.84 24.95 -17.67
CA HIS A 37 21.96 25.86 -17.56
C HIS A 37 22.22 26.27 -16.11
N PHE A 38 21.23 26.87 -15.45
CA PHE A 38 21.43 27.45 -14.10
C PHE A 38 21.27 26.47 -12.93
N THR A 39 20.34 25.54 -13.02
CA THR A 39 20.09 24.63 -11.92
C THR A 39 21.08 23.48 -11.97
N LEU A 40 21.25 22.89 -13.15
CA LEU A 40 22.09 21.73 -13.30
C LEU A 40 23.53 22.04 -13.65
N VAL A 41 23.82 23.24 -14.16
CA VAL A 41 25.16 23.67 -14.56
C VAL A 41 25.76 22.75 -15.62
N LYS A 42 24.97 22.49 -16.67
CA LYS A 42 25.41 21.70 -17.84
C LYS A 42 25.11 22.47 -19.11
N ASP A 43 25.83 22.21 -20.20
CA ASP A 43 25.34 22.60 -21.53
C ASP A 43 24.94 21.34 -22.27
N ARG A 44 24.27 21.49 -23.41
CA ARG A 44 23.74 20.36 -24.20
C ARG A 44 24.84 19.36 -24.63
N ASN A 45 26.09 19.79 -24.72
CA ASN A 45 27.18 18.92 -25.19
C ASN A 45 27.63 17.86 -24.19
N VAL A 46 27.47 18.12 -22.89
CA VAL A 46 27.84 17.16 -21.84
C VAL A 46 26.68 16.66 -20.98
N ALA A 47 25.45 17.05 -21.33
CA ALA A 47 24.28 16.63 -20.57
C ALA A 47 23.97 15.16 -20.87
N THR A 48 23.66 14.41 -19.82
CA THR A 48 23.19 13.02 -19.94
C THR A 48 21.66 12.95 -19.88
N PRO A 49 21.08 11.79 -20.24
CA PRO A 49 19.64 11.67 -20.04
C PRO A 49 19.16 11.99 -18.62
N ARG A 50 19.97 11.70 -17.60
CA ARG A 50 19.61 12.02 -16.22
C ARG A 50 19.52 13.52 -15.98
N ASP A 51 20.42 14.28 -16.58
CA ASP A 51 20.34 15.76 -16.55
C ASP A 51 19.05 16.25 -17.20
N TYR A 52 18.65 15.65 -18.30
CA TYR A 52 17.40 16.03 -18.98
C TYR A 52 16.18 15.72 -18.15
N TYR A 53 16.14 14.54 -17.51
CA TYR A 53 15.11 14.24 -16.56
C TYR A 53 15.02 15.34 -15.45
N PHE A 54 16.15 15.67 -14.82
CA PHE A 54 16.14 16.69 -13.76
C PHE A 54 15.68 18.07 -14.26
N ALA A 55 16.06 18.44 -15.47
CA ALA A 55 15.67 19.74 -16.00
C ALA A 55 14.16 19.76 -16.22
N LEU A 56 13.60 18.63 -16.66
CA LEU A 56 12.15 18.51 -16.82
C LEU A 56 11.44 18.54 -15.47
N ALA A 57 11.93 17.77 -14.50
CA ALA A 57 11.33 17.74 -13.17
C ALA A 57 11.31 19.12 -12.49
N HIS A 58 12.40 19.88 -12.61
CA HIS A 58 12.43 21.24 -12.05
C HIS A 58 11.44 22.17 -12.79
N THR A 59 11.30 21.95 -14.10
CA THR A 59 10.37 22.74 -14.91
C THR A 59 8.94 22.50 -14.45
N VAL A 60 8.59 21.24 -14.25
CA VAL A 60 7.24 20.88 -13.81
C VAL A 60 6.99 21.32 -12.36
N ARG A 61 8.01 21.15 -11.50
CA ARG A 61 7.93 21.60 -10.14
C ARG A 61 7.59 23.09 -10.03
N ASP A 62 8.20 23.93 -10.87
CA ASP A 62 7.89 25.36 -10.86
C ASP A 62 6.38 25.64 -10.96
N HIS A 63 5.66 24.85 -11.76
CA HIS A 63 4.19 25.00 -11.91
C HIS A 63 3.38 24.62 -10.68
N LEU A 64 3.96 23.82 -9.81
CA LEU A 64 3.33 23.43 -8.55
C LEU A 64 3.42 24.53 -7.51
N VAL A 65 4.52 25.30 -7.49
CA VAL A 65 4.88 26.03 -6.25
C VAL A 65 3.91 27.17 -5.98
N GLY A 66 3.45 27.83 -7.02
CA GLY A 66 2.48 28.92 -6.87
C GLY A 66 1.19 28.43 -6.24
N ARG A 67 0.71 27.29 -6.74
CA ARG A 67 -0.50 26.65 -6.21
C ARG A 67 -0.31 26.14 -4.77
N TRP A 68 0.88 25.64 -4.47
CA TRP A 68 1.24 25.16 -3.13
C TRP A 68 1.20 26.29 -2.10
N ILE A 69 1.87 27.40 -2.41
CA ILE A 69 1.86 28.57 -1.52
C ILE A 69 0.45 29.10 -1.29
N ARG A 70 -0.33 29.21 -2.38
CA ARG A 70 -1.70 29.74 -2.34
C ARG A 70 -2.65 28.83 -1.57
N THR A 71 -2.51 27.52 -1.77
CA THR A 71 -3.30 26.57 -1.01
C THR A 71 -3.05 26.70 0.50
N GLN A 72 -1.78 26.70 0.91
CA GLN A 72 -1.45 26.76 2.33
C GLN A 72 -1.87 28.11 2.96
N GLN A 73 -1.79 29.18 2.17
CA GLN A 73 -2.25 30.51 2.55
C GLN A 73 -3.78 30.49 2.75
N HIS A 74 -4.49 29.93 1.79
CA HIS A 74 -5.94 29.74 1.89
C HIS A 74 -6.36 29.00 3.17
N TYR A 75 -5.65 27.95 3.55
CA TYR A 75 -5.99 27.24 4.80
C TYR A 75 -5.71 28.08 6.04
N TYR A 76 -4.64 28.86 6.04
CA TYR A 76 -4.39 29.77 7.16
C TYR A 76 -5.54 30.78 7.34
N GLU A 77 -6.03 31.32 6.23
CA GLU A 77 -7.08 32.35 6.24
C GLU A 77 -8.45 31.82 6.60
N LYS A 78 -8.86 30.73 5.93
CA LYS A 78 -10.17 30.10 6.18
C LYS A 78 -10.21 29.29 7.48
N ASP A 79 -9.07 28.80 7.95
CA ASP A 79 -8.99 27.97 9.16
C ASP A 79 -10.00 26.80 9.21
N PRO A 80 -10.00 25.93 8.18
CA PRO A 80 -10.89 24.78 8.19
C PRO A 80 -10.37 23.76 9.19
N LYS A 81 -11.18 22.77 9.52
CA LYS A 81 -10.71 21.59 10.24
C LYS A 81 -9.61 20.89 9.44
N ARG A 82 -8.52 20.53 10.11
CA ARG A 82 -7.35 19.97 9.45
C ARG A 82 -7.36 18.46 9.71
N ILE A 83 -7.03 17.68 8.68
CA ILE A 83 -6.95 16.23 8.78
C ILE A 83 -5.47 15.81 8.75
N TYR A 84 -5.05 15.06 9.77
CA TYR A 84 -3.67 14.59 9.86
C TYR A 84 -3.65 13.08 9.74
N TYR A 85 -3.04 12.61 8.65
CA TYR A 85 -2.99 11.19 8.34
C TYR A 85 -1.61 10.68 8.74
N LEU A 86 -1.53 9.95 9.84
CA LEU A 86 -0.26 9.49 10.39
C LEU A 86 0.02 8.05 9.94
N SER A 87 1.18 7.85 9.31
CA SER A 87 1.55 6.56 8.76
C SER A 87 3.04 6.39 8.83
N LEU A 88 3.48 5.16 9.06
CA LEU A 88 4.91 4.85 8.98
C LEU A 88 5.35 4.59 7.54
N GLU A 89 4.37 4.53 6.63
CA GLU A 89 4.62 4.20 5.24
C GLU A 89 3.80 5.09 4.30
N PHE A 90 4.49 5.60 3.28
CA PHE A 90 3.87 6.29 2.13
C PHE A 90 4.53 5.76 0.86
N TYR A 91 3.87 4.82 0.20
CA TYR A 91 4.45 4.16 -0.97
C TYR A 91 4.10 4.97 -2.23
N MET A 92 4.89 6.01 -2.50
CA MET A 92 4.52 7.04 -3.46
C MET A 92 4.82 6.69 -4.91
N GLY A 93 5.86 5.90 -5.17
CA GLY A 93 6.34 5.65 -6.52
C GLY A 93 6.94 6.92 -7.12
N ARG A 94 6.88 7.03 -8.45
CA ARG A 94 7.37 8.22 -9.16
C ARG A 94 6.38 9.35 -9.12
N THR A 95 6.93 10.56 -9.23
CA THR A 95 6.15 11.81 -9.10
C THR A 95 5.96 12.60 -10.39
N LEU A 96 6.85 12.46 -11.36
CA LEU A 96 6.87 13.36 -12.51
C LEU A 96 5.59 13.27 -13.33
N GLN A 97 5.25 12.05 -13.74
CA GLN A 97 4.06 11.88 -14.58
C GLN A 97 2.79 12.21 -13.84
N ASN A 98 2.72 11.80 -12.58
CA ASN A 98 1.54 12.08 -11.78
C ASN A 98 1.27 13.58 -11.65
N THR A 99 2.35 14.34 -11.48
CA THR A 99 2.25 15.81 -11.40
C THR A 99 1.76 16.41 -12.70
N MET A 100 2.30 15.95 -13.83
CA MET A 100 1.85 16.40 -15.13
C MET A 100 0.37 16.09 -15.36
N VAL A 101 -0.06 14.88 -15.00
CA VAL A 101 -1.47 14.48 -15.16
C VAL A 101 -2.40 15.42 -14.36
N ASN A 102 -2.03 15.65 -13.09
CA ASN A 102 -2.86 16.44 -12.20
C ASN A 102 -2.87 17.94 -12.53
N LEU A 103 -1.85 18.41 -13.22
CA LEU A 103 -1.79 19.81 -13.68
C LEU A 103 -2.17 20.00 -15.13
N ALA A 104 -2.59 18.92 -15.81
CA ALA A 104 -2.99 18.95 -17.22
C ALA A 104 -1.85 19.38 -18.14
N LEU A 105 -0.64 18.99 -17.79
CA LEU A 105 0.57 19.42 -18.51
C LEU A 105 1.20 18.35 -19.38
N GLU A 106 0.65 17.15 -19.41
CA GLU A 106 1.33 16.01 -20.05
C GLU A 106 1.57 16.21 -21.56
N ASN A 107 0.55 16.63 -22.32
CA ASN A 107 0.73 16.81 -23.77
C ASN A 107 1.67 17.98 -24.06
N ALA A 108 1.58 19.05 -23.27
CA ALA A 108 2.46 20.20 -23.48
C ALA A 108 3.92 19.83 -23.21
N CYS A 109 4.17 19.09 -22.13
CA CYS A 109 5.54 18.63 -21.83
C CYS A 109 6.05 17.65 -22.90
N ASP A 110 5.15 16.81 -23.42
CA ASP A 110 5.50 15.86 -24.48
C ASP A 110 5.96 16.59 -25.74
N GLU A 111 5.19 17.59 -26.13
CA GLU A 111 5.48 18.42 -27.30
C GLU A 111 6.77 19.23 -27.10
N ALA A 112 6.91 19.84 -25.92
CA ALA A 112 8.07 20.65 -25.61
C ALA A 112 9.34 19.82 -25.67
N THR A 113 9.34 18.67 -25.01
CA THR A 113 10.51 17.81 -25.02
C THR A 113 10.79 17.28 -26.44
N TYR A 114 9.74 16.87 -27.17
CA TYR A 114 9.87 16.41 -28.57
C TYR A 114 10.59 17.45 -29.45
N GLN A 115 10.21 18.73 -29.31
CA GLN A 115 10.87 19.82 -30.05
C GLN A 115 12.32 20.06 -29.66
N LEU A 116 12.70 19.65 -28.45
CA LEU A 116 14.10 19.67 -28.01
C LEU A 116 14.90 18.41 -28.40
N GLY A 117 14.30 17.48 -29.13
CA GLY A 117 14.96 16.25 -29.58
C GLY A 117 15.00 15.15 -28.54
N LEU A 118 14.06 15.16 -27.60
CA LEU A 118 14.08 14.23 -26.45
C LEU A 118 12.76 13.49 -26.41
N ASP A 119 12.82 12.28 -25.88
CA ASP A 119 11.67 11.41 -25.72
C ASP A 119 11.30 11.42 -24.23
N MET A 120 10.14 11.99 -23.92
CA MET A 120 9.72 12.15 -22.54
C MET A 120 9.54 10.84 -21.78
N GLU A 121 9.07 9.80 -22.47
CA GLU A 121 8.90 8.48 -21.85
C GLU A 121 10.20 7.89 -21.34
N GLU A 122 11.27 8.11 -22.09
CA GLU A 122 12.61 7.67 -21.69
C GLU A 122 13.09 8.44 -20.45
N LEU A 123 12.81 9.74 -20.41
CA LEU A 123 13.19 10.56 -19.24
C LEU A 123 12.42 10.13 -17.99
N GLU A 124 11.14 9.80 -18.16
CA GLU A 124 10.31 9.31 -17.02
C GLU A 124 10.91 8.08 -16.32
N GLU A 125 11.51 7.20 -17.11
CA GLU A 125 12.09 5.93 -16.63
C GLU A 125 13.32 6.13 -15.80
N ILE A 126 13.94 7.31 -15.86
CA ILE A 126 15.11 7.61 -15.02
C ILE A 126 14.76 7.86 -13.56
N GLU A 127 13.55 8.34 -13.27
CA GLU A 127 13.19 8.72 -11.91
C GLU A 127 13.14 7.49 -11.01
N GLU A 128 13.68 7.60 -9.81
CA GLU A 128 13.59 6.51 -8.79
C GLU A 128 12.19 6.51 -8.17
N ASP A 129 11.61 5.33 -7.91
CA ASP A 129 10.45 5.27 -7.01
C ASP A 129 10.78 5.78 -5.62
N ALA A 130 9.86 6.56 -5.04
CA ALA A 130 9.91 6.80 -3.62
C ALA A 130 9.26 5.56 -2.99
N GLY A 131 10.09 4.61 -2.61
CA GLY A 131 9.65 3.31 -2.13
C GLY A 131 9.54 3.26 -0.62
N LEU A 132 8.79 4.20 -0.03
CA LEU A 132 8.75 4.34 1.41
C LEU A 132 7.61 3.53 2.01
N GLY A 133 7.38 2.34 1.47
CA GLY A 133 6.41 1.41 2.04
C GLY A 133 6.65 0.01 1.57
N ASN A 134 5.91 -0.92 2.14
CA ASN A 134 6.09 -2.35 1.89
C ASN A 134 5.14 -2.90 0.83
N GLY A 135 3.92 -2.41 0.81
CA GLY A 135 2.91 -2.98 -0.09
C GLY A 135 1.63 -2.20 0.04
N GLY A 136 0.55 -2.91 0.35
CA GLY A 136 -0.81 -2.39 0.31
C GLY A 136 -1.10 -1.24 1.28
N LEU A 137 -0.64 -1.38 2.51
CA LEU A 137 -0.85 -0.35 3.52
C LEU A 137 -0.19 0.96 3.14
N GLY A 138 1.07 0.89 2.71
CA GLY A 138 1.78 2.08 2.27
C GLY A 138 1.20 2.70 1.03
N ARG A 139 0.76 1.84 0.11
CA ARG A 139 0.21 2.38 -1.14
C ARG A 139 -1.16 2.98 -0.92
N LEU A 140 -1.91 2.46 0.04
CA LEU A 140 -3.22 3.02 0.41
C LEU A 140 -3.07 4.45 0.91
N ALA A 141 -2.04 4.67 1.72
CA ALA A 141 -1.75 6.00 2.21
C ALA A 141 -1.46 6.95 1.07
N ALA A 142 -0.74 6.49 0.05
CA ALA A 142 -0.46 7.32 -1.12
C ALA A 142 -1.70 7.64 -1.95
N CYS A 143 -2.53 6.65 -2.19
CA CYS A 143 -3.81 6.89 -2.88
C CYS A 143 -4.69 7.87 -2.12
N PHE A 144 -4.72 7.72 -0.80
CA PHE A 144 -5.51 8.59 0.07
C PHE A 144 -5.05 10.05 -0.04
N LEU A 145 -3.75 10.30 -0.07
CA LEU A 145 -3.26 11.68 -0.21
C LEU A 145 -3.76 12.29 -1.51
N ASP A 146 -3.70 11.53 -2.60
CA ASP A 146 -4.16 11.99 -3.89
C ASP A 146 -5.67 12.34 -3.85
N SER A 147 -6.48 11.47 -3.22
CA SER A 147 -7.91 11.72 -3.10
C SER A 147 -8.25 12.90 -2.16
N MET A 148 -7.53 13.05 -1.06
CA MET A 148 -7.79 14.17 -0.16
C MET A 148 -7.53 15.52 -0.84
N ALA A 149 -6.48 15.60 -1.65
CA ALA A 149 -6.20 16.81 -2.42
C ALA A 149 -7.25 17.06 -3.49
N THR A 150 -7.66 15.99 -4.17
CA THR A 150 -8.67 16.08 -5.22
C THR A 150 -10.04 16.48 -4.66
N LEU A 151 -10.33 16.10 -3.43
CA LEU A 151 -11.57 16.47 -2.78
C LEU A 151 -11.47 17.74 -1.91
N GLY A 152 -10.38 18.48 -2.05
CA GLY A 152 -10.27 19.79 -1.44
C GLY A 152 -10.21 19.80 0.08
N LEU A 153 -9.72 18.72 0.69
CA LEU A 153 -9.63 18.64 2.13
C LEU A 153 -8.29 19.22 2.60
N ALA A 154 -8.33 19.91 3.74
CA ALA A 154 -7.12 20.50 4.33
C ALA A 154 -6.37 19.38 5.06
N ALA A 155 -5.66 18.56 4.28
CA ALA A 155 -5.10 17.32 4.78
C ALA A 155 -3.59 17.31 4.71
N TYR A 156 -2.97 16.69 5.70
CA TYR A 156 -1.51 16.57 5.79
C TYR A 156 -1.15 15.13 6.03
N GLY A 157 -0.23 14.59 5.24
CA GLY A 157 0.33 13.29 5.50
C GLY A 157 1.60 13.50 6.31
N TYR A 158 1.76 12.73 7.37
CA TYR A 158 2.95 12.80 8.23
C TYR A 158 3.57 11.42 8.38
N GLY A 159 4.87 11.36 8.15
CA GLY A 159 5.63 10.14 8.18
C GLY A 159 7.12 10.40 8.41
N ILE A 160 7.92 9.42 8.02
CA ILE A 160 9.36 9.44 8.18
C ILE A 160 10.00 9.43 6.83
N ARG A 161 11.01 10.27 6.65
CA ARG A 161 11.82 10.28 5.44
C ARG A 161 12.92 9.25 5.60
N TYR A 162 12.65 8.02 5.21
CA TYR A 162 13.66 6.99 5.32
C TYR A 162 14.74 7.27 4.29
N GLU A 163 16.00 7.16 4.69
CA GLU A 163 17.09 7.25 3.71
C GLU A 163 17.12 6.07 2.73
N PHE A 164 16.74 4.88 3.22
CA PHE A 164 16.64 3.68 2.42
C PHE A 164 15.22 3.16 2.54
N GLY A 165 14.56 3.05 1.39
CA GLY A 165 13.22 2.53 1.33
C GLY A 165 13.24 1.01 1.25
N ILE A 166 12.16 0.45 0.69
CA ILE A 166 12.06 -1.00 0.53
C ILE A 166 13.24 -1.44 -0.36
N PHE A 167 13.97 -2.46 0.06
CA PHE A 167 15.11 -2.97 -0.68
C PHE A 167 14.80 -3.29 -2.15
N ASN A 168 15.81 -3.09 -3.00
CA ASN A 168 15.77 -3.58 -4.36
C ASN A 168 16.04 -5.07 -4.34
N GLN A 169 15.19 -5.81 -5.03
CA GLN A 169 15.28 -7.26 -5.14
C GLN A 169 16.03 -7.67 -6.41
N LYS A 170 17.07 -8.45 -6.23
CA LYS A 170 17.77 -9.14 -7.32
C LYS A 170 17.52 -10.62 -7.15
N ILE A 171 17.42 -11.34 -8.27
CA ILE A 171 17.32 -12.80 -8.24
C ILE A 171 18.65 -13.38 -8.72
N CYS A 172 19.31 -14.15 -7.87
CA CYS A 172 20.61 -14.76 -8.19
CA CYS A 172 20.61 -14.77 -8.20
C CYS A 172 20.51 -16.27 -7.99
N GLY A 173 20.69 -17.04 -9.06
CA GLY A 173 20.52 -18.50 -9.00
C GLY A 173 19.14 -18.92 -8.53
N GLY A 174 18.15 -18.12 -8.87
CA GLY A 174 16.78 -18.33 -8.43
C GLY A 174 16.42 -17.88 -7.02
N TRP A 175 17.37 -17.31 -6.26
CA TRP A 175 17.12 -16.85 -4.90
C TRP A 175 17.05 -15.32 -4.83
N GLN A 176 16.19 -14.80 -3.96
CA GLN A 176 16.16 -13.39 -3.66
C GLN A 176 17.46 -12.95 -2.96
N MET A 177 18.08 -11.91 -3.50
CA MET A 177 19.13 -11.15 -2.80
C MET A 177 18.58 -9.72 -2.59
N GLU A 178 18.94 -9.11 -1.47
CA GLU A 178 18.53 -7.74 -1.16
C GLU A 178 19.68 -6.75 -1.36
N GLU A 179 19.35 -5.61 -1.95
CA GLU A 179 20.26 -4.49 -2.11
C GLU A 179 19.60 -3.25 -1.57
N ALA A 180 20.38 -2.40 -0.92
CA ALA A 180 19.90 -1.13 -0.39
C ALA A 180 19.35 -0.24 -1.50
N ASP A 181 18.25 0.43 -1.19
CA ASP A 181 17.51 1.29 -2.12
C ASP A 181 17.94 2.71 -1.77
N ASP A 182 19.04 3.12 -2.37
CA ASP A 182 19.65 4.43 -2.12
C ASP A 182 18.97 5.45 -3.03
N TRP A 183 17.68 5.65 -2.77
CA TRP A 183 16.81 6.44 -3.63
C TRP A 183 17.15 7.92 -3.69
N LEU A 184 17.89 8.44 -2.70
CA LEU A 184 18.23 9.85 -2.63
C LEU A 184 19.61 10.21 -3.22
N ARG A 185 20.30 9.22 -3.78
CA ARG A 185 21.69 9.36 -4.24
C ARG A 185 21.85 10.55 -5.17
N TYR A 186 20.96 10.65 -6.16
CA TYR A 186 21.02 11.72 -7.17
C TYR A 186 20.22 12.98 -6.80
N GLY A 187 19.65 13.04 -5.60
CA GLY A 187 18.79 14.13 -5.15
C GLY A 187 17.32 13.84 -5.42
N ASN A 188 16.45 14.54 -4.72
CA ASN A 188 15.02 14.42 -4.85
C ASN A 188 14.52 15.85 -5.12
N PRO A 189 14.11 16.14 -6.36
CA PRO A 189 13.73 17.52 -6.68
C PRO A 189 12.34 17.92 -6.14
N TRP A 190 11.57 16.96 -5.66
CA TRP A 190 10.21 17.20 -5.25
C TRP A 190 10.11 17.71 -3.83
N GLU A 191 11.07 17.35 -2.98
CA GLU A 191 11.01 17.76 -1.58
C GLU A 191 11.60 19.14 -1.33
N LYS A 192 11.16 19.76 -0.24
CA LYS A 192 11.76 20.99 0.26
C LYS A 192 12.07 20.80 1.74
N ALA A 193 13.35 20.80 2.09
CA ALA A 193 13.80 20.80 3.49
C ALA A 193 13.31 22.04 4.17
N ARG A 194 12.83 21.89 5.40
CA ARG A 194 12.39 23.02 6.20
C ARG A 194 13.10 22.99 7.56
N PRO A 195 14.45 23.10 7.56
CA PRO A 195 15.25 23.05 8.81
C PRO A 195 14.81 24.06 9.90
N GLU A 196 14.15 25.13 9.48
CA GLU A 196 13.52 26.10 10.39
C GLU A 196 12.36 25.62 11.28
N PHE A 197 11.73 24.49 10.93
CA PHE A 197 10.65 23.91 11.74
C PHE A 197 11.12 22.63 12.45
N THR A 198 12.43 22.53 12.64
CA THR A 198 13.05 21.45 13.40
C THR A 198 12.58 21.44 14.84
N LEU A 199 12.26 20.26 15.36
CA LEU A 199 11.65 20.08 16.69
C LEU A 199 12.39 18.97 17.47
N PRO A 200 12.46 19.10 18.79
CA PRO A 200 13.08 18.07 19.64
C PRO A 200 12.15 16.94 19.99
N VAL A 201 12.69 15.72 19.99
CA VAL A 201 12.00 14.52 20.42
C VAL A 201 12.84 13.89 21.53
N HIS A 202 12.17 13.45 22.59
CA HIS A 202 12.82 12.92 23.80
C HIS A 202 12.72 11.42 23.91
N PHE A 203 13.77 10.81 24.48
CA PHE A 203 13.82 9.37 24.71
C PHE A 203 14.50 9.09 26.05
N TYR A 204 14.22 7.91 26.60
CA TYR A 204 14.79 7.44 27.87
C TYR A 204 14.37 8.34 29.04
N GLY A 205 15.31 8.72 29.90
CA GLY A 205 15.03 9.51 31.08
C GLY A 205 14.25 8.80 32.18
N ARG A 206 13.64 9.59 33.03
CA ARG A 206 12.86 9.08 34.14
C ARG A 206 11.80 10.10 34.50
N VAL A 207 10.84 9.65 35.30
CA VAL A 207 9.75 10.50 35.73
C VAL A 207 9.95 10.96 37.17
N GLU A 208 9.77 12.25 37.38
CA GLU A 208 9.83 12.89 38.69
C GLU A 208 8.43 13.36 39.00
N HIS A 209 7.94 13.09 40.20
CA HIS A 209 6.64 13.61 40.64
C HIS A 209 6.87 14.79 41.57
N THR A 210 6.44 15.97 41.13
CA THR A 210 6.55 17.21 41.92
C THR A 210 5.20 17.54 42.56
N SER A 211 5.16 18.66 43.29
CA SER A 211 3.92 19.24 43.81
C SER A 211 2.85 19.46 42.73
N GLN A 212 3.29 20.04 41.60
CA GLN A 212 2.38 20.35 40.48
C GLN A 212 2.61 19.43 39.25
N GLY A 213 2.57 18.12 39.51
CA GLY A 213 2.52 17.09 38.46
C GLY A 213 3.81 16.35 38.15
N ALA A 214 3.71 15.45 37.18
CA ALA A 214 4.83 14.65 36.71
C ALA A 214 5.70 15.45 35.73
N LYS A 215 6.99 15.20 35.77
CA LYS A 215 7.97 15.83 34.86
C LYS A 215 8.82 14.72 34.31
N TRP A 216 9.08 14.74 33.00
CA TRP A 216 9.90 13.71 32.33
C TRP A 216 11.26 14.36 32.16
N VAL A 217 12.28 13.85 32.85
CA VAL A 217 13.59 14.52 32.92
C VAL A 217 14.72 13.56 32.53
N ASP A 218 15.92 14.14 32.35
CA ASP A 218 17.17 13.42 32.03
C ASP A 218 17.06 12.65 30.74
N THR A 219 16.36 13.23 29.77
CA THR A 219 16.12 12.54 28.50
C THR A 219 17.27 12.76 27.51
N GLN A 220 17.37 11.87 26.51
CA GLN A 220 18.22 12.07 25.34
C GLN A 220 17.34 12.75 24.29
N VAL A 221 17.90 13.72 23.59
CA VAL A 221 17.17 14.50 22.62
C VAL A 221 17.64 14.14 21.21
N VAL A 222 16.70 13.92 20.32
CA VAL A 222 16.96 13.79 18.88
C VAL A 222 16.12 14.85 18.19
N LEU A 223 16.68 15.51 17.20
CA LEU A 223 15.94 16.51 16.45
C LEU A 223 15.23 15.87 15.28
N ALA A 224 14.02 16.37 15.02
CA ALA A 224 13.20 15.97 13.89
C ALA A 224 13.17 17.17 12.92
N MET A 225 13.80 16.99 11.77
CA MET A 225 13.81 17.99 10.72
C MET A 225 12.82 17.62 9.62
N PRO A 226 11.87 18.52 9.29
CA PRO A 226 10.87 18.18 8.28
C PRO A 226 11.28 18.47 6.84
N TYR A 227 10.87 17.58 5.94
CA TYR A 227 10.96 17.77 4.52
C TYR A 227 9.55 17.72 3.96
N ASP A 228 9.17 18.71 3.17
CA ASP A 228 7.82 18.79 2.64
C ASP A 228 7.79 18.42 1.16
N THR A 229 6.80 17.63 0.78
CA THR A 229 6.58 17.25 -0.61
C THR A 229 5.17 17.68 -0.99
N PRO A 230 5.01 18.32 -2.17
CA PRO A 230 3.68 18.71 -2.63
C PRO A 230 2.85 17.53 -3.14
N VAL A 231 1.55 17.60 -2.85
CA VAL A 231 0.57 16.62 -3.24
C VAL A 231 -0.55 17.31 -4.03
N PRO A 232 -0.46 17.30 -5.38
CA PRO A 232 -1.44 18.02 -6.19
C PRO A 232 -2.75 17.28 -6.34
N GLY A 233 -3.86 18.00 -6.25
CA GLY A 233 -5.16 17.42 -6.55
C GLY A 233 -5.38 17.38 -8.05
N TYR A 234 -6.40 16.66 -8.50
CA TYR A 234 -6.69 16.54 -9.94
C TYR A 234 -7.36 17.78 -10.52
N ARG A 235 -6.55 18.62 -11.15
CA ARG A 235 -7.02 19.73 -11.93
C ARG A 235 -7.90 20.74 -11.15
N ASN A 236 -7.65 20.86 -9.86
CA ASN A 236 -8.41 21.78 -9.01
C ASN A 236 -7.56 22.87 -8.37
N ASN A 237 -6.28 22.94 -8.76
CA ASN A 237 -5.29 23.86 -8.19
C ASN A 237 -5.05 23.76 -6.69
N VAL A 238 -5.41 22.64 -6.08
CA VAL A 238 -5.14 22.41 -4.66
C VAL A 238 -3.81 21.67 -4.62
N VAL A 239 -2.90 22.10 -3.75
CA VAL A 239 -1.66 21.36 -3.49
C VAL A 239 -1.48 21.24 -1.98
N ASN A 240 -1.64 20.02 -1.49
CA ASN A 240 -1.47 19.72 -0.08
C ASN A 240 -0.03 19.30 0.19
N THR A 241 0.27 19.01 1.44
CA THR A 241 1.64 18.73 1.91
C THR A 241 1.73 17.34 2.52
N MET A 242 2.79 16.61 2.17
CA MET A 242 3.25 15.46 2.88
C MET A 242 4.52 15.87 3.60
N ARG A 243 4.51 15.81 4.93
CA ARG A 243 5.64 16.26 5.74
C ARG A 243 6.32 15.01 6.33
N LEU A 244 7.59 14.79 5.96
CA LEU A 244 8.33 13.63 6.41
C LEU A 244 9.51 14.07 7.28
N TRP A 245 9.69 13.40 8.41
CA TRP A 245 10.65 13.83 9.41
C TRP A 245 11.93 13.04 9.24
N SER A 246 13.06 13.72 9.41
CA SER A 246 14.39 13.12 9.35
C SER A 246 15.08 13.37 10.66
N ALA A 247 15.83 12.39 11.13
CA ALA A 247 16.46 12.46 12.45
C ALA A 247 17.83 13.12 12.37
N LYS A 248 18.07 14.09 13.26
CA LYS A 248 19.37 14.76 13.35
C LYS A 248 19.82 14.82 14.80
N ALA A 249 21.11 14.70 15.03
CA ALA A 249 21.63 14.78 16.41
C ALA A 249 21.77 16.25 16.74
N PRO A 250 21.50 16.64 17.99
CA PRO A 250 21.92 18.03 18.37
C PRO A 250 23.45 18.24 18.34
N ASN A 251 23.93 19.47 18.20
CA ASN A 251 25.39 19.73 18.02
C ASN A 251 26.30 19.55 19.24
N ASP A 252 25.70 19.55 20.42
CA ASP A 252 26.38 19.16 21.67
C ASP A 252 26.29 17.63 21.98
N PHE A 253 25.68 16.84 21.10
CA PHE A 253 25.51 15.36 21.26
C PHE A 253 26.83 14.67 21.56
N ASN A 254 26.87 13.94 22.69
CA ASN A 254 28.10 13.33 23.23
C ASN A 254 29.23 14.33 23.49
N LEU A 255 28.93 15.63 23.63
CA LEU A 255 29.95 16.69 23.75
C LEU A 255 29.66 17.70 24.87
N GLY A 262 37.27 10.26 22.64
CA GLY A 262 37.25 11.72 22.79
C GLY A 262 36.43 12.45 21.72
N TYR A 263 36.97 13.56 21.22
CA TYR A 263 36.23 14.44 20.29
C TYR A 263 35.80 13.72 19.00
N ILE A 264 36.74 13.03 18.34
CA ILE A 264 36.45 12.38 17.04
C ILE A 264 35.33 11.35 17.18
N GLN A 265 35.46 10.51 18.20
CA GLN A 265 34.44 9.45 18.43
C GLN A 265 33.07 10.02 18.71
N ALA A 266 33.01 11.14 19.42
CA ALA A 266 31.74 11.79 19.76
C ALA A 266 31.01 12.31 18.52
N VAL A 267 31.78 12.82 17.55
CA VAL A 267 31.21 13.23 16.29
C VAL A 267 30.75 12.01 15.51
N LEU A 268 31.56 10.95 15.47
CA LEU A 268 31.16 9.74 14.69
C LEU A 268 29.92 9.06 15.29
N ASP A 269 29.78 9.16 16.61
CA ASP A 269 28.62 8.57 17.30
C ASP A 269 27.31 9.29 17.10
N ARG A 270 27.33 10.45 16.44
CA ARG A 270 26.07 11.07 16.01
C ARG A 270 25.14 10.14 15.20
N ASN A 271 25.74 9.19 14.50
CA ASN A 271 25.01 8.16 13.73
C ASN A 271 24.00 7.35 14.53
N LEU A 272 24.29 7.13 15.80
CA LEU A 272 23.37 6.42 16.67
C LEU A 272 22.00 7.11 16.75
N ALA A 273 21.97 8.45 16.86
CA ALA A 273 20.68 9.17 16.86
C ALA A 273 20.06 9.20 15.48
N GLU A 274 20.90 9.34 14.47
CA GLU A 274 20.41 9.56 13.11
C GLU A 274 19.95 8.25 12.45
N ASN A 275 20.32 7.11 13.03
CA ASN A 275 19.79 5.81 12.59
C ASN A 275 18.29 5.67 12.64
N ILE A 276 17.61 6.48 13.44
CA ILE A 276 16.16 6.38 13.55
C ILE A 276 15.46 6.48 12.20
N SER A 277 15.88 7.42 11.35
CA SER A 277 15.28 7.57 10.04
C SER A 277 16.06 6.87 8.90
N ARG A 278 16.92 5.91 9.21
CA ARG A 278 17.81 5.38 8.18
C ARG A 278 17.11 4.42 7.24
N VAL A 279 16.27 3.55 7.76
CA VAL A 279 15.77 2.44 6.96
C VAL A 279 14.35 2.01 7.36
N LEU A 280 13.56 1.74 6.33
CA LEU A 280 12.22 1.14 6.47
C LEU A 280 12.35 -0.33 6.85
N TYR A 281 11.66 -0.75 7.91
CA TYR A 281 11.53 -2.19 8.21
C TYR A 281 10.71 -2.86 7.09
N PRO A 282 11.28 -3.91 6.48
CA PRO A 282 10.71 -4.47 5.26
C PRO A 282 9.71 -5.62 5.46
N ASN A 283 8.90 -5.54 6.51
CA ASN A 283 7.94 -6.59 6.84
C ASN A 283 6.54 -6.18 6.39
N ASP A 284 5.81 -7.13 5.88
CA ASP A 284 4.45 -6.93 5.49
C ASP A 284 3.67 -7.94 6.32
N ASN A 285 2.76 -7.46 7.17
CA ASN A 285 1.92 -8.36 7.98
C ASN A 285 2.72 -9.24 8.93
N PHE A 286 3.75 -8.66 9.54
CA PHE A 286 4.55 -9.37 10.54
C PHE A 286 5.15 -8.38 11.54
N PHE A 287 4.90 -8.58 12.83
CA PHE A 287 5.40 -7.72 13.88
C PHE A 287 6.74 -8.28 14.36
N GLU A 288 7.79 -7.47 14.29
CA GLU A 288 9.15 -7.94 14.64
C GLU A 288 9.57 -7.59 16.05
N GLY A 289 9.11 -6.46 16.59
CA GLY A 289 9.33 -6.16 18.01
C GLY A 289 10.71 -5.59 18.36
N LYS A 290 11.35 -4.90 17.42
CA LYS A 290 12.69 -4.33 17.66
C LYS A 290 12.62 -2.91 18.21
N GLU A 291 13.55 -2.60 19.11
CA GLU A 291 13.64 -1.29 19.71
C GLU A 291 13.72 -0.15 18.70
N LEU A 292 14.52 -0.32 17.64
CA LEU A 292 14.64 0.72 16.63
C LEU A 292 13.27 1.07 16.00
N ARG A 293 12.43 0.07 15.77
CA ARG A 293 11.10 0.30 15.24
C ARG A 293 10.24 1.10 16.22
N LEU A 294 10.32 0.78 17.50
CA LEU A 294 9.59 1.57 18.49
C LEU A 294 10.06 3.02 18.52
N LYS A 295 11.38 3.24 18.41
CA LYS A 295 11.91 4.60 18.30
C LYS A 295 11.35 5.33 17.10
N GLN A 296 11.26 4.66 15.95
CA GLN A 296 10.66 5.23 14.77
C GLN A 296 9.21 5.67 15.00
N GLU A 297 8.44 4.79 15.64
CA GLU A 297 7.04 5.06 15.94
C GLU A 297 6.86 6.28 16.82
N TYR A 298 7.66 6.38 17.87
CA TYR A 298 7.53 7.50 18.76
C TYR A 298 8.03 8.80 18.08
N PHE A 299 9.13 8.69 17.34
CA PHE A 299 9.70 9.82 16.63
C PHE A 299 8.68 10.51 15.75
N VAL A 300 8.00 9.75 14.92
CA VAL A 300 7.00 10.34 14.04
C VAL A 300 5.83 10.98 14.81
N VAL A 301 5.37 10.30 15.86
CA VAL A 301 4.29 10.78 16.70
C VAL A 301 4.60 12.07 17.47
N ALA A 302 5.77 12.11 18.12
CA ALA A 302 6.14 13.24 18.95
C ALA A 302 6.39 14.48 18.12
N ALA A 303 7.08 14.34 16.99
CA ALA A 303 7.32 15.52 16.14
C ALA A 303 6.00 16.03 15.52
N THR A 304 5.19 15.08 15.04
CA THR A 304 3.93 15.42 14.39
C THR A 304 2.98 16.15 15.35
N LEU A 305 2.84 15.64 16.57
CA LEU A 305 1.92 16.25 17.54
C LEU A 305 2.32 17.66 17.95
N GLN A 306 3.63 17.93 18.06
CA GLN A 306 4.08 19.31 18.31
C GLN A 306 3.70 20.26 17.17
N ASP A 307 3.82 19.76 15.95
CA ASP A 307 3.48 20.52 14.74
C ASP A 307 1.99 20.82 14.70
N ILE A 308 1.18 19.82 15.05
CA ILE A 308 -0.29 19.95 15.11
C ILE A 308 -0.70 21.02 16.12
N ILE A 309 -0.10 20.94 17.30
CA ILE A 309 -0.45 21.85 18.39
C ILE A 309 0.00 23.28 18.06
N ARG A 310 1.18 23.41 17.45
CA ARG A 310 1.69 24.73 17.03
C ARG A 310 0.69 25.40 16.09
N ARG A 311 0.26 24.65 15.07
CA ARG A 311 -0.66 25.12 14.05
C ARG A 311 -2.02 25.46 14.64
N PHE A 312 -2.49 24.66 15.62
CA PHE A 312 -3.73 24.96 16.36
C PHE A 312 -3.68 26.26 17.17
N LYS A 313 -2.56 26.50 17.84
CA LYS A 313 -2.42 27.69 18.69
C LYS A 313 -2.30 28.98 17.87
N SER A 314 -1.78 28.85 16.64
CA SER A 314 -1.61 29.96 15.71
C SER A 314 -2.80 30.07 14.75
N SER A 315 -4.02 30.05 15.29
CA SER A 315 -5.22 29.99 14.44
CA SER A 315 -5.26 30.03 14.48
C SER A 315 -5.47 31.32 13.71
N THR A 325 -5.10 28.59 25.01
CA THR A 325 -5.68 28.15 26.26
C THR A 325 -6.72 27.05 26.04
N ASN A 326 -7.63 27.27 25.09
CA ASN A 326 -8.88 26.49 25.04
C ASN A 326 -8.85 25.25 24.13
N PHE A 327 -8.45 24.14 24.74
CA PHE A 327 -8.43 22.86 24.04
C PHE A 327 -9.79 22.21 23.84
N ASP A 328 -10.88 22.77 24.35
CA ASP A 328 -12.24 22.26 24.04
C ASP A 328 -12.57 22.29 22.55
N ALA A 329 -12.01 23.26 21.83
CA ALA A 329 -12.21 23.37 20.39
C ALA A 329 -11.23 22.51 19.56
N PHE A 330 -10.32 21.79 20.22
CA PHE A 330 -9.26 21.05 19.54
C PHE A 330 -9.84 20.01 18.57
N PRO A 331 -10.81 19.18 19.04
CA PRO A 331 -11.42 18.20 18.12
C PRO A 331 -12.29 18.80 17.00
N ASP A 332 -12.70 20.04 17.14
CA ASP A 332 -13.37 20.78 16.05
C ASP A 332 -12.41 21.28 14.98
N LYS A 333 -11.12 21.38 15.31
CA LYS A 333 -10.12 21.87 14.38
C LYS A 333 -9.09 20.84 13.93
N VAL A 334 -9.11 19.65 14.54
CA VAL A 334 -8.10 18.65 14.29
C VAL A 334 -8.73 17.27 14.26
N ALA A 335 -8.38 16.48 13.23
CA ALA A 335 -8.64 15.03 13.21
C ALA A 335 -7.31 14.34 12.99
N ILE A 336 -7.07 13.28 13.75
CA ILE A 336 -5.87 12.46 13.61
C ILE A 336 -6.32 11.05 13.27
N GLN A 337 -5.90 10.57 12.10
CA GLN A 337 -6.20 9.23 11.65
C GLN A 337 -4.97 8.36 11.79
N LEU A 338 -5.10 7.25 12.51
CA LEU A 338 -4.01 6.37 12.81
C LEU A 338 -4.04 5.23 11.78
N ASN A 339 -3.00 5.15 10.96
CA ASN A 339 -2.92 4.10 9.92
C ASN A 339 -2.32 2.85 10.56
N ASP A 340 -3.24 1.99 11.02
CA ASP A 340 -2.94 0.84 11.86
C ASP A 340 -2.42 1.30 13.21
N THR A 341 -1.81 0.41 13.99
CA THR A 341 -1.36 0.78 15.33
C THR A 341 0.01 1.38 15.34
N HIS A 342 0.66 1.47 14.19
CA HIS A 342 2.04 1.95 14.16
C HIS A 342 2.24 3.34 14.81
N PRO A 343 1.27 4.26 14.62
CA PRO A 343 1.33 5.54 15.34
C PRO A 343 0.45 5.61 16.58
N SER A 344 0.16 4.47 17.21
CA SER A 344 -0.73 4.41 18.36
C SER A 344 -0.25 5.22 19.56
N LEU A 345 1.07 5.44 19.66
CA LEU A 345 1.60 6.26 20.74
C LEU A 345 1.10 7.69 20.68
N ALA A 346 0.47 8.12 19.58
CA ALA A 346 -0.21 9.43 19.53
C ALA A 346 -1.20 9.62 20.67
N ILE A 347 -1.85 8.54 21.09
CA ILE A 347 -2.90 8.61 22.13
C ILE A 347 -2.27 8.98 23.50
N PRO A 348 -1.29 8.22 23.99
CA PRO A 348 -0.66 8.62 25.26
C PRO A 348 0.21 9.89 25.14
N GLU A 349 0.76 10.16 23.96
CA GLU A 349 1.52 11.40 23.76
C GLU A 349 0.61 12.61 23.84
N LEU A 350 -0.56 12.55 23.20
CA LEU A 350 -1.53 13.64 23.31
C LEU A 350 -1.92 13.86 24.78
N MET A 351 -2.15 12.79 25.51
CA MET A 351 -2.46 12.88 26.92
C MET A 351 -1.31 13.49 27.71
N ARG A 352 -0.08 13.09 27.40
CA ARG A 352 1.11 13.64 28.07
C ARG A 352 1.19 15.15 27.89
N VAL A 353 1.05 15.62 26.66
CA VAL A 353 1.14 17.03 26.38
C VAL A 353 0.00 17.80 27.11
N LEU A 354 -1.23 17.31 26.98
CA LEU A 354 -2.36 18.01 27.59
C LEU A 354 -2.30 18.02 29.12
N VAL A 355 -1.93 16.89 29.75
CA VAL A 355 -1.88 16.79 31.19
C VAL A 355 -0.59 17.38 31.79
N ASP A 356 0.56 16.94 31.30
CA ASP A 356 1.85 17.35 31.89
C ASP A 356 2.30 18.75 31.50
N LEU A 357 2.04 19.16 30.26
CA LEU A 357 2.55 20.45 29.76
C LEU A 357 1.48 21.53 29.78
N GLU A 358 0.25 21.22 29.36
CA GLU A 358 -0.83 22.23 29.34
C GLU A 358 -1.66 22.27 30.60
N ARG A 359 -1.51 21.25 31.45
CA ARG A 359 -2.10 21.23 32.79
C ARG A 359 -3.63 21.10 32.78
N LEU A 360 -4.17 20.46 31.75
CA LEU A 360 -5.57 20.04 31.73
C LEU A 360 -5.76 18.90 32.74
N ASP A 361 -6.95 18.83 33.31
CA ASP A 361 -7.29 17.66 34.15
C ASP A 361 -7.45 16.45 33.23
N TRP A 362 -7.22 15.28 33.80
CA TRP A 362 -7.22 14.02 33.09
C TRP A 362 -8.49 13.83 32.23
N ASP A 363 -9.66 13.99 32.86
CA ASP A 363 -10.95 13.71 32.20
C ASP A 363 -11.19 14.59 30.96
N LYS A 364 -10.89 15.87 31.07
CA LYS A 364 -10.97 16.80 29.96
C LYS A 364 -10.00 16.41 28.85
N ALA A 365 -8.74 16.15 29.22
CA ALA A 365 -7.74 15.69 28.26
C ALA A 365 -8.17 14.42 27.50
N TRP A 366 -8.72 13.46 28.23
CA TRP A 366 -9.18 12.20 27.64
C TRP A 366 -10.34 12.40 26.65
N GLU A 367 -11.28 13.25 27.01
CA GLU A 367 -12.38 13.63 26.11
C GLU A 367 -11.87 14.23 24.80
N VAL A 368 -10.92 15.15 24.90
CA VAL A 368 -10.31 15.77 23.72
C VAL A 368 -9.60 14.71 22.85
N THR A 369 -8.81 13.85 23.50
CA THR A 369 -8.07 12.82 22.82
C THR A 369 -8.97 11.86 22.02
N VAL A 370 -10.00 11.34 22.69
CA VAL A 370 -10.89 10.39 22.07
C VAL A 370 -11.62 11.01 20.86
N LYS A 371 -12.09 12.24 21.00
CA LYS A 371 -12.77 12.93 19.92
C LYS A 371 -11.86 13.31 18.77
N THR A 372 -10.57 13.40 19.04
CA THR A 372 -9.59 13.73 18.01
C THR A 372 -9.10 12.51 17.19
N CYS A 373 -8.89 11.38 17.86
CA CYS A 373 -8.28 10.22 17.24
C CYS A 373 -9.27 9.21 16.68
N ALA A 374 -8.89 8.61 15.56
CA ALA A 374 -9.61 7.48 14.97
C ALA A 374 -8.57 6.49 14.45
N TYR A 375 -8.95 5.22 14.48
CA TYR A 375 -8.05 4.12 14.22
C TYR A 375 -8.59 3.23 13.10
N THR A 376 -7.73 2.98 12.12
CA THR A 376 -7.99 2.02 11.06
C THR A 376 -7.17 0.75 11.27
N ASN A 377 -7.88 -0.38 11.36
CA ASN A 377 -7.25 -1.72 11.44
C ASN A 377 -7.12 -2.31 10.04
N HIS A 378 -5.95 -2.90 9.75
CA HIS A 378 -5.66 -3.47 8.42
C HIS A 378 -5.40 -4.96 8.39
N THR A 379 -5.54 -5.67 9.50
CA THR A 379 -5.26 -7.11 9.48
C THR A 379 -5.79 -7.78 10.71
N VAL A 380 -6.18 -9.05 10.54
CA VAL A 380 -6.51 -9.91 11.66
C VAL A 380 -5.47 -10.99 11.93
N LEU A 381 -4.39 -11.08 11.14
CA LEU A 381 -3.40 -12.10 11.40
C LEU A 381 -2.69 -11.83 12.75
N PRO A 382 -2.68 -12.84 13.65
CA PRO A 382 -2.15 -12.60 15.01
C PRO A 382 -0.67 -12.21 15.07
N GLU A 383 0.13 -12.75 14.18
CA GLU A 383 1.55 -12.41 14.13
C GLU A 383 1.83 -10.97 13.62
N ALA A 384 0.82 -10.29 13.10
CA ALA A 384 0.94 -8.91 12.61
C ALA A 384 0.60 -7.87 13.68
N LEU A 385 -0.03 -8.29 14.78
CA LEU A 385 -0.48 -7.33 15.78
C LEU A 385 0.68 -6.88 16.66
N GLU A 386 0.75 -5.57 16.92
CA GLU A 386 1.80 -5.02 17.73
C GLU A 386 1.51 -5.23 19.18
N ARG A 387 2.42 -5.91 19.85
CA ARG A 387 2.34 -6.16 21.28
C ARG A 387 3.72 -5.90 21.87
N TRP A 388 3.95 -4.67 22.35
CA TRP A 388 5.27 -4.26 22.80
C TRP A 388 5.54 -4.75 24.22
N PRO A 389 6.72 -5.37 24.46
CA PRO A 389 7.12 -5.70 25.83
C PRO A 389 7.15 -4.49 26.75
N VAL A 390 6.60 -4.65 27.95
CA VAL A 390 6.55 -3.60 28.93
C VAL A 390 7.96 -3.10 29.28
N HIS A 391 8.94 -4.00 29.38
CA HIS A 391 10.31 -3.60 29.75
C HIS A 391 10.92 -2.59 28.74
N LEU A 392 10.59 -2.75 27.46
CA LEU A 392 11.00 -1.80 26.43
C LEU A 392 10.44 -0.40 26.62
N LEU A 393 9.13 -0.33 26.80
CA LEU A 393 8.44 0.94 27.07
C LEU A 393 8.88 1.57 28.36
N GLU A 394 9.12 0.75 29.38
CA GLU A 394 9.61 1.23 30.65
C GLU A 394 10.95 1.97 30.54
N THR A 395 11.85 1.45 29.73
CA THR A 395 13.18 2.05 29.53
C THR A 395 13.13 3.23 28.60
N LEU A 396 12.42 3.08 27.49
CA LEU A 396 12.45 4.08 26.42
C LEU A 396 11.49 5.24 26.68
N LEU A 397 10.32 4.94 27.22
CA LEU A 397 9.22 5.89 27.28
C LEU A 397 8.50 5.76 28.62
N PRO A 398 9.24 6.00 29.71
CA PRO A 398 8.69 5.71 31.04
C PRO A 398 7.40 6.47 31.38
N ARG A 399 7.27 7.73 30.93
CA ARG A 399 6.04 8.49 31.19
C ARG A 399 4.83 7.92 30.41
N HIS A 400 5.04 7.49 29.17
CA HIS A 400 4.00 6.92 28.34
C HIS A 400 3.50 5.62 28.95
N LEU A 401 4.40 4.83 29.54
CA LEU A 401 3.96 3.58 30.18
C LEU A 401 3.03 3.88 31.38
N GLN A 402 3.36 4.89 32.18
CA GLN A 402 2.49 5.31 33.30
C GLN A 402 1.12 5.74 32.80
N ILE A 403 1.10 6.52 31.73
CA ILE A 403 -0.15 6.99 31.14
C ILE A 403 -0.98 5.83 30.60
N ILE A 404 -0.32 4.86 29.97
CA ILE A 404 -1.00 3.65 29.45
C ILE A 404 -1.63 2.86 30.59
N TYR A 405 -0.90 2.67 31.68
CA TYR A 405 -1.47 1.98 32.85
C TYR A 405 -2.72 2.68 33.41
N GLU A 406 -2.69 4.01 33.48
CA GLU A 406 -3.83 4.79 33.97
C GLU A 406 -5.01 4.70 32.99
N ILE A 407 -4.73 4.74 31.69
CA ILE A 407 -5.78 4.54 30.69
C ILE A 407 -6.45 3.18 30.93
N ASN A 408 -5.63 2.15 31.11
CA ASN A 408 -6.10 0.79 31.28
C ASN A 408 -6.98 0.65 32.51
N GLN A 409 -6.55 1.19 33.63
CA GLN A 409 -7.32 1.08 34.86
C GLN A 409 -8.68 1.76 34.73
N ARG A 410 -8.72 2.96 34.14
CA ARG A 410 -9.96 3.65 33.94
C ARG A 410 -10.86 2.95 32.94
N PHE A 411 -10.28 2.42 31.87
CA PHE A 411 -11.04 1.64 30.90
C PHE A 411 -11.64 0.35 31.49
N LEU A 412 -10.83 -0.40 32.21
CA LEU A 412 -11.34 -1.63 32.85
C LEU A 412 -12.38 -1.35 33.92
N ASN A 413 -12.26 -0.21 34.62
CA ASN A 413 -13.34 0.21 35.51
C ASN A 413 -14.69 0.38 34.80
N ARG A 414 -14.69 0.92 33.58
CA ARG A 414 -15.93 1.00 32.77
C ARG A 414 -16.43 -0.38 32.36
N VAL A 415 -15.51 -1.26 31.96
CA VAL A 415 -15.89 -2.64 31.59
C VAL A 415 -16.56 -3.36 32.76
N ALA A 416 -15.97 -3.27 33.96
CA ALA A 416 -16.49 -3.90 35.16
C ALA A 416 -17.88 -3.39 35.52
N ALA A 417 -18.13 -2.11 35.28
CA ALA A 417 -19.44 -1.52 35.58
C ALA A 417 -20.49 -1.98 34.58
N ALA A 418 -20.08 -2.21 33.32
CA ALA A 418 -21.02 -2.63 32.28
C ALA A 418 -21.31 -4.13 32.32
N PHE A 419 -20.32 -4.93 32.74
CA PHE A 419 -20.41 -6.40 32.76
C PHE A 419 -19.96 -6.90 34.13
N PRO A 420 -20.74 -6.61 35.18
CA PRO A 420 -20.24 -6.93 36.51
C PRO A 420 -20.07 -8.44 36.70
N GLY A 421 -18.95 -8.83 37.30
CA GLY A 421 -18.63 -10.21 37.58
C GLY A 421 -17.92 -10.94 36.46
N ASP A 422 -17.84 -10.32 35.28
CA ASP A 422 -17.26 -10.99 34.11
C ASP A 422 -15.75 -10.81 34.13
N VAL A 423 -15.09 -11.58 35.00
CA VAL A 423 -13.64 -11.45 35.23
C VAL A 423 -12.83 -11.87 34.03
N ASP A 424 -13.31 -12.85 33.25
CA ASP A 424 -12.56 -13.22 32.06
C ASP A 424 -12.57 -12.11 31.01
N ARG A 425 -13.70 -11.41 30.89
CA ARG A 425 -13.76 -10.27 29.96
C ARG A 425 -12.73 -9.19 30.33
N LEU A 426 -12.58 -8.90 31.62
CA LEU A 426 -11.55 -7.96 32.08
C LEU A 426 -10.15 -8.34 31.59
N ARG A 427 -9.82 -9.61 31.74
CA ARG A 427 -8.54 -10.14 31.26
C ARG A 427 -8.42 -10.02 29.75
N ARG A 428 -9.43 -10.40 28.98
CA ARG A 428 -9.37 -10.30 27.52
C ARG A 428 -9.26 -8.87 26.99
N MET A 429 -9.87 -7.92 27.69
CA MET A 429 -9.96 -6.56 27.16
C MET A 429 -8.79 -5.70 27.63
N SER A 430 -8.03 -6.17 28.62
CA SER A 430 -6.95 -5.36 29.20
C SER A 430 -5.99 -4.89 28.12
N LEU A 431 -5.48 -3.69 28.28
CA LEU A 431 -4.39 -3.23 27.44
C LEU A 431 -3.09 -3.96 27.79
N VAL A 432 -2.99 -4.49 29.01
CA VAL A 432 -1.79 -5.18 29.49
C VAL A 432 -2.02 -6.68 29.38
N GLU A 433 -1.23 -7.35 28.56
CA GLU A 433 -1.27 -8.81 28.50
C GLU A 433 -0.29 -9.45 29.47
N GLU A 434 -0.81 -10.35 30.29
CA GLU A 434 0.02 -11.17 31.20
C GLU A 434 0.71 -12.30 30.48
N GLY A 435 1.73 -12.87 31.11
CA GLY A 435 2.49 -13.97 30.53
C GLY A 435 3.94 -13.95 30.97
N ALA A 436 4.75 -14.74 30.28
CA ALA A 436 6.20 -14.78 30.51
C ALA A 436 6.74 -13.36 30.54
N VAL A 437 6.52 -12.63 29.44
CA VAL A 437 6.81 -11.20 29.37
C VAL A 437 5.47 -10.45 29.25
N LYS A 438 5.28 -9.47 30.10
CA LYS A 438 4.12 -8.59 30.01
C LYS A 438 4.28 -7.75 28.73
N ARG A 439 3.18 -7.57 28.00
CA ARG A 439 3.14 -6.78 26.77
C ARG A 439 1.96 -5.80 26.80
N ILE A 440 2.08 -4.69 26.07
CA ILE A 440 0.95 -3.80 25.83
C ILE A 440 0.36 -4.13 24.47
N ASN A 441 -0.95 -4.35 24.42
CA ASN A 441 -1.62 -4.63 23.18
C ASN A 441 -2.03 -3.28 22.57
N MET A 442 -1.38 -2.89 21.48
CA MET A 442 -1.56 -1.54 20.94
C MET A 442 -2.92 -1.36 20.27
N ALA A 443 -3.48 -2.45 19.75
CA ALA A 443 -4.82 -2.39 19.15
C ALA A 443 -5.87 -2.06 20.21
N HIS A 444 -5.74 -2.66 21.39
CA HIS A 444 -6.66 -2.36 22.50
C HIS A 444 -6.51 -0.92 22.95
N LEU A 445 -5.28 -0.41 22.99
CA LEU A 445 -5.05 1.03 23.27
C LEU A 445 -5.76 1.92 22.23
N CYS A 446 -5.62 1.59 20.95
CA CYS A 446 -6.24 2.38 19.88
C CYS A 446 -7.76 2.40 19.98
N ILE A 447 -8.36 1.25 20.30
CA ILE A 447 -9.83 1.21 20.45
C ILE A 447 -10.32 2.07 21.62
N ALA A 448 -9.65 1.93 22.77
CA ALA A 448 -10.00 2.69 23.96
C ALA A 448 -9.91 4.20 23.73
N GLY A 449 -8.92 4.62 22.96
CA GLY A 449 -8.62 6.04 22.81
C GLY A 449 -9.08 6.72 21.54
N SER A 450 -9.91 6.04 20.74
CA SER A 450 -10.44 6.55 19.49
C SER A 450 -11.96 6.60 19.51
N HIS A 451 -12.54 7.59 18.83
CA HIS A 451 -14.01 7.67 18.69
C HIS A 451 -14.55 6.84 17.53
N ALA A 452 -13.67 6.36 16.66
CA ALA A 452 -14.05 5.52 15.51
C ALA A 452 -12.97 4.51 15.24
N VAL A 453 -13.38 3.28 14.98
CA VAL A 453 -12.53 2.17 14.62
C VAL A 453 -13.13 1.60 13.34
N ASN A 454 -12.33 1.48 12.28
CA ASN A 454 -12.83 0.90 11.06
C ASN A 454 -11.95 -0.20 10.51
N GLY A 455 -12.60 -1.17 9.86
CA GLY A 455 -11.91 -2.10 8.97
C GLY A 455 -12.00 -1.59 7.55
N VAL A 456 -11.42 -2.35 6.61
CA VAL A 456 -11.06 -1.83 5.30
C VAL A 456 -11.79 -2.54 4.15
N ALA A 457 -12.73 -3.42 4.50
CA ALA A 457 -13.68 -4.04 3.54
C ALA A 457 -14.79 -4.62 4.38
N ARG A 458 -15.97 -4.78 3.80
CA ARG A 458 -17.14 -5.19 4.58
C ARG A 458 -16.93 -6.48 5.35
N ILE A 459 -16.38 -7.50 4.69
CA ILE A 459 -16.19 -8.79 5.35
C ILE A 459 -15.19 -8.68 6.54
N HIS A 460 -14.15 -7.86 6.37
CA HIS A 460 -13.15 -7.64 7.38
C HIS A 460 -13.73 -6.89 8.59
N SER A 461 -14.48 -5.83 8.34
CA SER A 461 -15.15 -5.08 9.42
C SER A 461 -16.13 -5.97 10.22
N GLU A 462 -16.83 -6.87 9.55
CA GLU A 462 -17.68 -7.86 10.21
C GLU A 462 -16.88 -8.84 11.05
N ILE A 463 -15.79 -9.35 10.49
CA ILE A 463 -14.88 -10.24 11.24
C ILE A 463 -14.35 -9.56 12.53
N LEU A 464 -14.02 -8.27 12.45
CA LEU A 464 -13.57 -7.50 13.63
C LEU A 464 -14.65 -7.52 14.73
N LYS A 465 -15.90 -7.31 14.36
CA LYS A 465 -17.01 -7.30 15.33
C LYS A 465 -17.37 -8.68 15.90
N LYS A 466 -17.12 -9.74 15.12
CA LYS A 466 -17.46 -11.11 15.54
C LYS A 466 -16.35 -11.85 16.24
N THR A 467 -15.10 -11.51 15.99
CA THR A 467 -13.99 -12.28 16.52
C THR A 467 -13.10 -11.41 17.37
N ILE A 468 -12.06 -10.80 16.80
CA ILE A 468 -10.99 -10.30 17.65
C ILE A 468 -11.35 -9.09 18.49
N PHE A 469 -12.30 -8.27 18.03
CA PHE A 469 -12.73 -7.10 18.82
C PHE A 469 -14.18 -7.22 19.30
N LYS A 470 -14.72 -8.44 19.34
CA LYS A 470 -16.08 -8.67 19.78
C LYS A 470 -16.40 -8.02 21.14
N ASP A 471 -15.50 -8.19 22.11
CA ASP A 471 -15.71 -7.61 23.44
C ASP A 471 -15.86 -6.08 23.40
N PHE A 472 -15.05 -5.43 22.58
CA PHE A 472 -15.04 -3.98 22.46
C PHE A 472 -16.29 -3.50 21.74
N TYR A 473 -16.71 -4.26 20.74
CA TYR A 473 -17.94 -3.98 20.04
C TYR A 473 -19.18 -4.05 20.97
N GLU A 474 -19.18 -5.00 21.89
CA GLU A 474 -20.31 -5.12 22.84
C GLU A 474 -20.33 -3.98 23.81
N LEU A 475 -19.16 -3.47 24.20
CA LEU A 475 -19.10 -2.32 25.12
C LEU A 475 -19.47 -1.01 24.41
N GLU A 476 -18.98 -0.81 23.18
CA GLU A 476 -19.12 0.49 22.47
C GLU A 476 -19.44 0.26 20.99
N PRO A 477 -20.65 -0.22 20.69
CA PRO A 477 -21.00 -0.63 19.32
C PRO A 477 -20.90 0.51 18.30
N HIS A 478 -21.25 1.71 18.75
CA HIS A 478 -21.19 2.94 17.95
C HIS A 478 -19.81 3.29 17.36
N LYS A 479 -18.73 2.82 17.99
CA LYS A 479 -17.39 3.11 17.47
C LYS A 479 -17.05 2.42 16.15
N PHE A 480 -17.66 1.27 15.90
CA PHE A 480 -17.20 0.36 14.84
C PHE A 480 -17.84 0.64 13.50
N GLN A 481 -16.98 0.88 12.50
CA GLN A 481 -17.44 1.21 11.17
C GLN A 481 -16.69 0.38 10.14
N ASN A 482 -17.18 0.48 8.92
CA ASN A 482 -16.47 -0.02 7.74
C ASN A 482 -16.14 1.14 6.80
N LYS A 483 -14.96 1.08 6.20
CA LYS A 483 -14.60 1.97 5.09
C LYS A 483 -13.85 1.12 4.08
N THR A 484 -14.55 0.65 3.06
CA THR A 484 -13.93 -0.21 2.08
C THR A 484 -12.85 0.58 1.34
N ASN A 485 -11.70 -0.05 1.18
CA ASN A 485 -10.57 0.54 0.49
C ASN A 485 -10.87 0.92 -0.95
N GLY A 486 -9.95 1.70 -1.51
CA GLY A 486 -10.03 2.10 -2.89
C GLY A 486 -8.67 2.45 -3.43
N ILE A 487 -8.63 2.82 -4.70
CA ILE A 487 -7.39 3.21 -5.40
C ILE A 487 -7.66 4.48 -6.19
N THR A 488 -6.63 5.27 -6.41
CA THR A 488 -6.83 6.48 -7.19
C THR A 488 -6.89 6.20 -8.69
N PRO A 489 -7.96 6.64 -9.36
CA PRO A 489 -8.00 6.44 -10.81
C PRO A 489 -7.10 7.34 -11.60
N ARG A 490 -6.46 8.34 -10.96
CA ARG A 490 -5.42 9.09 -11.65
C ARG A 490 -4.22 8.21 -11.94
N ARG A 491 -3.48 7.76 -10.91
CA ARG A 491 -2.35 6.87 -11.15
C ARG A 491 -2.77 5.55 -11.82
N TRP A 492 -3.89 4.95 -11.40
CA TRP A 492 -4.17 3.56 -11.74
C TRP A 492 -5.06 3.40 -12.96
N LEU A 493 -5.33 4.49 -13.66
CA LEU A 493 -5.97 4.39 -15.00
C LEU A 493 -5.36 5.38 -15.97
N VAL A 494 -5.48 6.66 -15.67
CA VAL A 494 -5.07 7.71 -16.61
C VAL A 494 -3.57 7.67 -16.85
N LEU A 495 -2.80 7.55 -15.78
CA LEU A 495 -1.35 7.56 -15.90
C LEU A 495 -0.82 6.25 -16.51
N CYS A 496 -1.25 5.12 -15.99
CA CYS A 496 -0.65 3.85 -16.42
C CYS A 496 -1.31 3.25 -17.69
N ASN A 497 -2.52 3.68 -18.03
CA ASN A 497 -3.25 3.10 -19.16
C ASN A 497 -3.97 4.19 -19.96
N PRO A 498 -3.19 5.10 -20.58
CA PRO A 498 -3.83 6.19 -21.31
C PRO A 498 -4.70 5.76 -22.47
N GLY A 499 -4.34 4.66 -23.14
CA GLY A 499 -5.17 4.13 -24.23
C GLY A 499 -6.58 3.73 -23.79
N LEU A 500 -6.70 3.13 -22.61
CA LEU A 500 -8.00 2.76 -22.07
C LEU A 500 -8.76 3.99 -21.63
N ALA A 501 -8.09 4.88 -20.92
CA ALA A 501 -8.70 6.15 -20.50
C ALA A 501 -9.31 6.91 -21.67
N GLU A 502 -8.61 6.89 -22.80
CA GLU A 502 -8.99 7.66 -23.98
C GLU A 502 -10.22 7.07 -24.66
N ILE A 503 -10.25 5.76 -24.87
CA ILE A 503 -11.40 5.13 -25.55
C ILE A 503 -12.67 5.24 -24.69
N ILE A 504 -12.50 5.26 -23.37
CA ILE A 504 -13.61 5.55 -22.46
C ILE A 504 -14.06 7.00 -22.61
N ALA A 505 -13.11 7.92 -22.57
CA ALA A 505 -13.39 9.36 -22.71
C ALA A 505 -14.08 9.70 -24.03
N GLU A 506 -13.77 8.95 -25.09
CA GLU A 506 -14.40 9.20 -26.40
C GLU A 506 -15.92 8.99 -26.35
N ARG A 507 -16.38 8.09 -25.50
CA ARG A 507 -17.80 7.78 -25.34
C ARG A 507 -18.51 8.59 -24.26
N ILE A 508 -17.90 8.73 -23.09
CA ILE A 508 -18.61 9.32 -21.95
C ILE A 508 -17.97 10.60 -21.41
N GLY A 509 -16.98 11.15 -22.11
CA GLY A 509 -16.30 12.36 -21.66
C GLY A 509 -15.26 12.09 -20.58
N GLU A 510 -14.77 13.17 -20.00
CA GLU A 510 -13.66 13.14 -19.04
C GLU A 510 -14.02 13.22 -17.57
N GLU A 511 -15.29 13.45 -17.25
CA GLU A 511 -15.69 13.68 -15.86
C GLU A 511 -15.50 12.47 -14.97
N TYR A 512 -15.47 11.27 -15.56
CA TYR A 512 -15.30 10.05 -14.79
C TYR A 512 -13.99 9.98 -14.01
N ILE A 513 -12.97 10.72 -14.46
CA ILE A 513 -11.65 10.68 -13.82
C ILE A 513 -11.71 11.17 -12.37
N SER A 514 -12.64 12.07 -12.06
CA SER A 514 -12.86 12.49 -10.66
C SER A 514 -14.25 12.10 -10.15
N ASP A 515 -14.93 11.20 -10.85
CA ASP A 515 -16.24 10.71 -10.44
C ASP A 515 -16.39 9.35 -11.09
N LEU A 516 -15.72 8.35 -10.53
CA LEU A 516 -15.56 7.06 -11.20
C LEU A 516 -16.83 6.28 -11.38
N ASP A 517 -17.87 6.60 -10.60
CA ASP A 517 -19.21 5.99 -10.76
C ASP A 517 -19.79 6.18 -12.15
N GLN A 518 -19.35 7.22 -12.84
CA GLN A 518 -19.77 7.43 -14.23
C GLN A 518 -19.36 6.33 -15.21
N LEU A 519 -18.39 5.48 -14.83
CA LEU A 519 -18.10 4.27 -15.62
C LEU A 519 -19.31 3.34 -15.83
N ARG A 520 -20.31 3.38 -14.96
CA ARG A 520 -21.58 2.65 -15.19
C ARG A 520 -22.21 2.91 -16.56
N LYS A 521 -22.02 4.11 -17.07
CA LYS A 521 -22.51 4.46 -18.41
C LYS A 521 -21.96 3.52 -19.47
N LEU A 522 -20.80 2.89 -19.24
CA LEU A 522 -20.25 1.93 -20.20
C LEU A 522 -21.07 0.65 -20.42
N LEU A 523 -21.97 0.32 -19.50
CA LEU A 523 -22.84 -0.83 -19.70
C LEU A 523 -23.72 -0.69 -20.96
N SER A 524 -24.00 0.56 -21.39
CA SER A 524 -24.74 0.78 -22.64
CA SER A 524 -24.73 0.80 -22.63
C SER A 524 -23.90 0.46 -23.88
N TYR A 525 -22.59 0.15 -23.68
CA TYR A 525 -21.63 -0.18 -24.77
C TYR A 525 -21.02 -1.62 -24.72
N VAL A 526 -21.71 -2.45 -23.94
CA VAL A 526 -21.42 -3.88 -23.89
C VAL A 526 -21.74 -4.67 -25.19
N ASP A 527 -22.70 -4.20 -26.00
CA ASP A 527 -22.99 -4.87 -27.29
C ASP A 527 -22.53 -4.03 -28.47
N ASP A 528 -21.73 -3.00 -28.19
CA ASP A 528 -21.32 -2.09 -29.26
C ASP A 528 -20.05 -2.69 -29.88
N GLU A 529 -20.14 -3.07 -31.15
CA GLU A 529 -19.05 -3.79 -31.84
C GLU A 529 -17.75 -3.00 -31.88
N ALA A 530 -17.85 -1.68 -32.11
CA ALA A 530 -16.68 -0.80 -32.17
C ALA A 530 -16.00 -0.73 -30.81
N PHE A 531 -16.80 -0.57 -29.74
CA PHE A 531 -16.25 -0.49 -28.38
C PHE A 531 -15.58 -1.80 -27.95
N ILE A 532 -16.25 -2.93 -28.18
CA ILE A 532 -15.63 -4.27 -28.00
C ILE A 532 -14.27 -4.35 -28.69
N ARG A 533 -14.21 -3.97 -29.95
CA ARG A 533 -12.95 -3.98 -30.71
C ARG A 533 -11.87 -3.08 -30.10
N ASP A 534 -12.24 -1.88 -29.68
CA ASP A 534 -11.30 -0.93 -29.09
C ASP A 534 -10.77 -1.41 -27.74
N VAL A 535 -11.64 -1.94 -26.88
CA VAL A 535 -11.19 -2.49 -25.59
C VAL A 535 -10.14 -3.60 -25.80
N ALA A 536 -10.43 -4.53 -26.71
CA ALA A 536 -9.51 -5.63 -27.03
C ALA A 536 -8.20 -5.13 -27.64
N LYS A 537 -8.30 -4.10 -28.47
CA LYS A 537 -7.12 -3.51 -29.13
C LYS A 537 -6.17 -2.88 -28.11
N VAL A 538 -6.74 -2.11 -27.19
CA VAL A 538 -5.94 -1.50 -26.12
C VAL A 538 -5.22 -2.57 -25.25
N LYS A 539 -5.92 -3.64 -24.87
CA LYS A 539 -5.28 -4.73 -24.14
C LYS A 539 -4.14 -5.34 -24.95
N GLN A 540 -4.40 -5.57 -26.23
CA GLN A 540 -3.37 -6.15 -27.08
C GLN A 540 -2.12 -5.27 -27.18
N GLU A 541 -2.33 -3.96 -27.34
CA GLU A 541 -1.20 -2.98 -27.35
C GLU A 541 -0.41 -3.01 -26.05
N ASN A 542 -1.12 -3.02 -24.92
CA ASN A 542 -0.46 -3.09 -23.60
C ASN A 542 0.34 -4.36 -23.43
N LYS A 543 -0.17 -5.48 -23.94
CA LYS A 543 0.54 -6.76 -23.87
C LYS A 543 1.82 -6.75 -24.74
N LEU A 544 1.72 -6.24 -25.97
CA LEU A 544 2.91 -6.07 -26.84
C LEU A 544 3.99 -5.20 -26.22
N LYS A 545 3.59 -4.06 -25.66
CA LYS A 545 4.50 -3.14 -25.01
C LYS A 545 5.17 -3.82 -23.81
N PHE A 546 4.41 -4.57 -23.02
CA PHE A 546 5.01 -5.26 -21.88
C PHE A 546 5.93 -6.42 -22.30
N ALA A 547 5.54 -7.19 -23.31
CA ALA A 547 6.39 -8.27 -23.87
C ALA A 547 7.76 -7.74 -24.37
N ALA A 548 7.76 -6.54 -24.93
CA ALA A 548 8.97 -5.88 -25.42
C ALA A 548 9.81 -5.38 -24.27
N TYR A 549 9.16 -4.78 -23.27
CA TYR A 549 9.85 -4.33 -22.04
C TYR A 549 10.59 -5.50 -21.41
N LEU A 550 9.94 -6.67 -21.34
CA LEU A 550 10.56 -7.86 -20.79
C LEU A 550 11.82 -8.25 -21.56
N GLU A 551 11.75 -8.27 -22.90
CA GLU A 551 12.93 -8.59 -23.73
C GLU A 551 14.11 -7.62 -23.50
N ARG A 552 13.86 -6.32 -23.58
CA ARG A 552 14.91 -5.29 -23.42
C ARG A 552 15.62 -5.36 -22.07
N GLU A 553 14.86 -5.22 -20.99
CA GLU A 553 15.41 -5.14 -19.63
C GLU A 553 15.78 -6.48 -19.00
N TYR A 554 15.21 -7.60 -19.48
CA TYR A 554 15.45 -8.91 -18.86
C TYR A 554 15.67 -10.10 -19.80
N LYS A 555 16.03 -9.84 -21.06
CA LYS A 555 16.55 -10.88 -22.00
C LYS A 555 15.68 -12.17 -22.09
N VAL A 556 14.35 -12.02 -22.03
CA VAL A 556 13.41 -13.17 -22.06
C VAL A 556 12.26 -12.94 -23.04
N HIS A 557 11.86 -14.01 -23.75
CA HIS A 557 10.83 -13.94 -24.81
C HIS A 557 9.51 -14.60 -24.41
N ILE A 558 8.39 -13.89 -24.66
CA ILE A 558 7.05 -14.41 -24.41
C ILE A 558 6.10 -14.22 -25.60
N ASN A 559 5.14 -15.13 -25.71
CA ASN A 559 4.10 -15.09 -26.72
C ASN A 559 3.00 -14.09 -26.31
N PRO A 560 2.88 -12.96 -27.04
CA PRO A 560 1.88 -11.97 -26.63
C PRO A 560 0.42 -12.35 -26.96
N ASN A 561 0.20 -13.46 -27.68
CA ASN A 561 -1.15 -14.00 -27.89
C ASN A 561 -1.64 -14.94 -26.80
N SER A 562 -0.75 -15.29 -25.86
CA SER A 562 -1.12 -16.12 -24.72
C SER A 562 -1.91 -15.32 -23.69
N LEU A 563 -2.65 -16.03 -22.86
CA LEU A 563 -3.36 -15.42 -21.74
C LEU A 563 -2.31 -15.00 -20.68
N PHE A 564 -2.32 -13.73 -20.27
CA PHE A 564 -1.39 -13.22 -19.27
C PHE A 564 -2.04 -13.35 -17.89
N ASP A 565 -1.53 -14.31 -17.12
CA ASP A 565 -2.07 -14.78 -15.84
C ASP A 565 -1.10 -14.25 -14.81
N VAL A 566 -1.53 -13.29 -14.00
CA VAL A 566 -0.63 -12.47 -13.20
CA VAL A 566 -0.57 -12.57 -13.18
C VAL A 566 -0.99 -12.51 -11.73
N GLN A 567 0.00 -12.77 -10.87
CA GLN A 567 -0.16 -12.68 -9.45
C GLN A 567 1.02 -11.84 -8.93
N VAL A 568 0.75 -10.58 -8.63
CA VAL A 568 1.79 -9.68 -8.13
C VAL A 568 1.30 -9.07 -6.84
N LYS A 569 2.13 -9.18 -5.80
CA LYS A 569 1.82 -8.81 -4.42
C LYS A 569 2.99 -9.34 -3.58
N ARG A 570 3.13 -8.91 -2.35
CA ARG A 570 4.18 -9.44 -1.49
C ARG A 570 4.03 -10.97 -1.32
N ILE A 571 5.16 -11.64 -1.19
CA ILE A 571 5.17 -13.09 -1.00
C ILE A 571 4.82 -13.40 0.45
N HIS A 572 3.74 -14.16 0.66
CA HIS A 572 3.29 -14.54 2.01
C HIS A 572 2.53 -15.83 1.92
N GLU A 573 2.66 -16.70 2.94
CA GLU A 573 1.87 -17.94 2.92
C GLU A 573 0.35 -17.69 2.77
N TYR A 574 -0.19 -16.65 3.40
CA TYR A 574 -1.63 -16.39 3.35
C TYR A 574 -2.13 -16.00 1.97
N LYS A 575 -1.26 -15.41 1.15
CA LYS A 575 -1.63 -14.99 -0.21
C LYS A 575 -1.59 -16.16 -1.22
N ARG A 576 -0.97 -17.26 -0.81
CA ARG A 576 -1.06 -18.55 -1.50
C ARG A 576 -0.51 -18.55 -2.92
N GLN A 577 0.65 -17.91 -3.10
CA GLN A 577 1.42 -18.11 -4.33
C GLN A 577 1.64 -19.62 -4.53
N LEU A 578 1.75 -20.39 -3.44
CA LEU A 578 1.90 -21.84 -3.55
C LEU A 578 0.72 -22.54 -4.25
N LEU A 579 -0.50 -22.08 -4.01
CA LEU A 579 -1.66 -22.62 -4.70
C LEU A 579 -1.52 -22.41 -6.22
N ASN A 580 -1.09 -21.20 -6.60
CA ASN A 580 -0.81 -20.89 -8.03
C ASN A 580 0.26 -21.85 -8.58
N CYS A 581 1.34 -22.07 -7.84
CA CYS A 581 2.39 -23.01 -8.23
C CYS A 581 1.84 -24.40 -8.48
N LEU A 582 0.93 -24.85 -7.63
CA LEU A 582 0.34 -26.19 -7.83
C LEU A 582 -0.46 -26.27 -9.13
N HIS A 583 -1.16 -25.18 -9.48
CA HIS A 583 -1.91 -25.14 -10.75
C HIS A 583 -0.95 -25.18 -11.94
N VAL A 584 0.12 -24.39 -11.85
CA VAL A 584 1.10 -24.35 -12.94
C VAL A 584 1.69 -25.73 -13.21
N ILE A 585 2.12 -26.42 -12.15
CA ILE A 585 2.62 -27.79 -12.30
C ILE A 585 1.54 -28.75 -12.86
N THR A 586 0.29 -28.59 -12.44
CA THR A 586 -0.82 -29.38 -12.94
C THR A 586 -0.94 -29.23 -14.47
N LEU A 587 -0.90 -27.99 -14.94
CA LEU A 587 -0.93 -27.71 -16.37
C LEU A 587 0.25 -28.33 -17.12
N TYR A 588 1.45 -28.20 -16.55
CA TYR A 588 2.65 -28.84 -17.11
C TYR A 588 2.50 -30.37 -17.23
N ASN A 589 2.07 -31.00 -16.14
CA ASN A 589 1.88 -32.47 -16.14
C ASN A 589 0.81 -32.93 -17.13
N ARG A 590 -0.27 -32.15 -17.27
CA ARG A 590 -1.32 -32.44 -18.28
C ARG A 590 -0.80 -32.35 -19.72
N ILE A 591 0.00 -31.34 -20.00
CA ILE A 591 0.65 -31.20 -21.32
C ILE A 591 1.55 -32.41 -21.60
N LYS A 592 2.39 -32.75 -20.64
CA LYS A 592 3.31 -33.88 -20.78
C LYS A 592 2.57 -35.21 -20.94
N LYS A 593 1.40 -35.35 -20.34
CA LYS A 593 0.59 -36.56 -20.50
C LYS A 593 -0.05 -36.67 -21.89
N GLU A 594 -0.57 -35.56 -22.42
CA GLU A 594 -1.24 -35.51 -23.73
C GLU A 594 -0.67 -34.34 -24.56
N PRO A 595 0.56 -34.52 -25.06
CA PRO A 595 1.27 -33.37 -25.64
C PRO A 595 0.63 -32.81 -26.90
N ASN A 596 -0.13 -33.62 -27.62
CA ASN A 596 -0.71 -33.20 -28.89
C ASN A 596 -2.14 -32.68 -28.79
N LYS A 597 -2.64 -32.45 -27.58
CA LYS A 597 -3.94 -31.85 -27.35
C LYS A 597 -3.78 -30.32 -27.26
N PHE A 598 -4.72 -29.59 -27.86
CA PHE A 598 -4.75 -28.14 -27.74
C PHE A 598 -5.02 -27.74 -26.29
N VAL A 599 -4.25 -26.76 -25.80
CA VAL A 599 -4.54 -26.04 -24.55
C VAL A 599 -4.38 -24.55 -24.83
N VAL A 600 -5.20 -23.73 -24.18
CA VAL A 600 -5.07 -22.29 -24.30
C VAL A 600 -3.67 -21.89 -23.76
N PRO A 601 -2.83 -21.26 -24.60
CA PRO A 601 -1.51 -20.86 -24.14
C PRO A 601 -1.57 -19.83 -23.01
N ARG A 602 -0.68 -19.95 -22.04
CA ARG A 602 -0.60 -19.01 -20.91
C ARG A 602 0.82 -18.57 -20.68
N THR A 603 0.95 -17.33 -20.26
CA THR A 603 2.17 -16.82 -19.64
C THR A 603 1.79 -16.53 -18.21
N VAL A 604 2.38 -17.29 -17.29
CA VAL A 604 2.08 -17.18 -15.89
C VAL A 604 3.21 -16.32 -15.30
N MET A 605 2.83 -15.18 -14.74
CA MET A 605 3.76 -14.25 -14.16
C MET A 605 3.46 -14.08 -12.69
N ILE A 606 4.47 -14.30 -11.85
CA ILE A 606 4.35 -14.12 -10.42
C ILE A 606 5.48 -13.20 -10.03
N GLY A 607 5.17 -12.22 -9.19
CA GLY A 607 6.22 -11.34 -8.67
C GLY A 607 5.87 -10.80 -7.31
N GLY A 608 6.91 -10.42 -6.57
CA GLY A 608 6.74 -9.82 -5.27
C GLY A 608 7.99 -10.05 -4.41
N LYS A 609 8.13 -9.20 -3.40
CA LYS A 609 9.26 -9.30 -2.47
C LYS A 609 8.90 -10.13 -1.26
N ALA A 610 9.90 -10.87 -0.78
CA ALA A 610 9.82 -11.57 0.49
C ALA A 610 10.53 -10.73 1.55
N ALA A 611 10.00 -10.69 2.74
CA ALA A 611 10.74 -10.05 3.84
C ALA A 611 12.07 -10.81 4.06
N PRO A 612 13.19 -10.10 4.28
CA PRO A 612 14.50 -10.76 4.39
C PRO A 612 14.58 -11.92 5.38
N GLY A 613 13.87 -11.85 6.50
CA GLY A 613 13.95 -12.94 7.49
C GLY A 613 12.90 -14.02 7.36
N TYR A 614 12.05 -13.96 6.33
CA TYR A 614 10.90 -14.86 6.23
C TYR A 614 11.33 -16.01 5.32
N HIS A 615 11.88 -17.04 5.97
CA HIS A 615 12.48 -18.16 5.28
C HIS A 615 11.53 -18.86 4.25
N MET A 616 10.30 -19.15 4.67
CA MET A 616 9.36 -19.87 3.82
C MET A 616 9.02 -19.05 2.55
N ALA A 617 8.90 -17.73 2.72
CA ALA A 617 8.68 -16.83 1.57
C ALA A 617 9.84 -16.85 0.58
N LYS A 618 11.05 -16.95 1.12
CA LYS A 618 12.21 -17.05 0.26
C LYS A 618 12.26 -18.39 -0.47
N MET A 619 11.81 -19.46 0.20
CA MET A 619 11.75 -20.78 -0.45
C MET A 619 10.71 -20.81 -1.59
N ILE A 620 9.60 -20.11 -1.38
CA ILE A 620 8.54 -20.00 -2.41
C ILE A 620 9.06 -19.33 -3.67
N ILE A 621 9.81 -18.24 -3.52
CA ILE A 621 10.45 -17.61 -4.65
C ILE A 621 11.34 -18.61 -5.39
N LYS A 622 12.18 -19.34 -4.65
CA LYS A 622 13.05 -20.32 -5.27
C LYS A 622 12.24 -21.41 -6.01
N LEU A 623 11.12 -21.84 -5.45
CA LEU A 623 10.26 -22.81 -6.12
C LEU A 623 9.74 -22.27 -7.43
N ILE A 624 9.31 -21.02 -7.44
CA ILE A 624 8.74 -20.44 -8.65
C ILE A 624 9.78 -20.39 -9.77
N THR A 625 11.00 -19.97 -9.45
CA THR A 625 12.05 -19.93 -10.46
C THR A 625 12.44 -21.34 -10.92
N ALA A 626 12.43 -22.30 -9.99
CA ALA A 626 12.75 -23.69 -10.32
C ALA A 626 11.72 -24.34 -11.26
N ILE A 627 10.45 -24.02 -11.05
CA ILE A 627 9.39 -24.45 -11.97
C ILE A 627 9.62 -23.86 -13.35
N GLY A 628 9.91 -22.55 -13.41
CA GLY A 628 10.31 -21.88 -14.65
C GLY A 628 11.46 -22.53 -15.39
N ASP A 629 12.51 -22.89 -14.65
CA ASP A 629 13.67 -23.57 -15.24
C ASP A 629 13.31 -24.89 -15.93
N VAL A 630 12.35 -25.63 -15.38
CA VAL A 630 11.89 -26.87 -16.03
C VAL A 630 10.92 -26.58 -17.18
N VAL A 631 9.88 -25.80 -16.90
CA VAL A 631 8.78 -25.59 -17.86
C VAL A 631 9.25 -24.84 -19.13
N ASN A 632 10.01 -23.77 -18.93
CA ASN A 632 10.42 -22.89 -20.01
C ASN A 632 11.44 -23.53 -20.96
N HIS A 633 12.04 -24.64 -20.58
CA HIS A 633 13.06 -25.28 -21.42
C HIS A 633 12.65 -26.65 -21.95
N ASP A 634 11.39 -27.03 -21.73
CA ASP A 634 10.87 -28.31 -22.17
C ASP A 634 10.36 -28.13 -23.61
N PRO A 635 11.01 -28.78 -24.59
CA PRO A 635 10.61 -28.54 -25.98
C PRO A 635 9.18 -29.02 -26.33
N VAL A 636 8.64 -29.97 -25.56
CA VAL A 636 7.29 -30.47 -25.80
C VAL A 636 6.23 -29.43 -25.43
N VAL A 637 6.54 -28.61 -24.44
CA VAL A 637 5.63 -27.53 -24.02
C VAL A 637 5.57 -26.44 -25.08
N GLY A 638 6.73 -26.05 -25.61
CA GLY A 638 6.79 -25.02 -26.65
C GLY A 638 6.46 -23.67 -26.05
N ASP A 639 5.69 -22.87 -26.77
CA ASP A 639 5.18 -21.61 -26.21
C ASP A 639 3.75 -21.74 -25.64
N ARG A 640 3.32 -22.96 -25.31
CA ARG A 640 2.01 -23.18 -24.66
C ARG A 640 1.98 -22.70 -23.21
N LEU A 641 3.12 -22.73 -22.54
CA LEU A 641 3.18 -22.42 -21.11
C LEU A 641 4.55 -21.83 -20.82
N ARG A 642 4.55 -20.65 -20.20
CA ARG A 642 5.78 -20.00 -19.73
C ARG A 642 5.53 -19.51 -18.33
N VAL A 643 6.55 -19.63 -17.47
CA VAL A 643 6.46 -19.19 -16.07
C VAL A 643 7.60 -18.20 -15.82
N ILE A 644 7.25 -16.98 -15.47
CA ILE A 644 8.20 -15.88 -15.34
C ILE A 644 8.08 -15.33 -13.92
N PHE A 645 9.20 -15.20 -13.22
CA PHE A 645 9.20 -14.49 -11.95
C PHE A 645 9.57 -13.02 -12.25
N LEU A 646 8.67 -12.09 -11.92
CA LEU A 646 8.90 -10.68 -12.20
C LEU A 646 9.70 -10.07 -11.06
N GLU A 647 10.94 -9.71 -11.36
CA GLU A 647 11.92 -9.26 -10.39
C GLU A 647 11.61 -7.82 -9.95
N ASN A 648 11.83 -7.53 -8.68
CA ASN A 648 11.74 -6.18 -8.14
C ASN A 648 10.37 -5.49 -8.29
N TYR A 649 9.32 -6.23 -7.97
CA TYR A 649 7.98 -5.70 -8.01
C TYR A 649 7.86 -4.50 -7.07
N ARG A 650 7.33 -3.42 -7.63
CA ARG A 650 7.28 -2.11 -6.98
C ARG A 650 6.26 -1.29 -7.72
N VAL A 651 5.99 -0.08 -7.26
CA VAL A 651 4.90 0.72 -7.88
C VAL A 651 5.11 0.94 -9.39
N SER A 652 6.32 1.32 -9.81
CA SER A 652 6.58 1.58 -11.24
CA SER A 652 6.56 1.58 -11.23
C SER A 652 6.39 0.33 -12.10
N LEU A 653 6.72 -0.84 -11.55
CA LEU A 653 6.47 -2.10 -12.28
C LEU A 653 4.97 -2.45 -12.31
N ALA A 654 4.24 -2.17 -11.23
CA ALA A 654 2.80 -2.34 -11.22
C ALA A 654 2.12 -1.54 -12.34
N GLU A 655 2.60 -0.32 -12.57
CA GLU A 655 2.02 0.53 -13.61
C GLU A 655 2.22 -0.05 -15.01
N LYS A 656 3.23 -0.89 -15.19
CA LYS A 656 3.49 -1.54 -16.49
C LYS A 656 2.77 -2.89 -16.64
N VAL A 657 2.77 -3.70 -15.60
CA VAL A 657 2.22 -5.06 -15.74
C VAL A 657 0.70 -5.12 -15.63
N ILE A 658 0.12 -4.32 -14.74
CA ILE A 658 -1.34 -4.37 -14.52
C ILE A 658 -2.15 -4.07 -15.80
N PRO A 659 -1.82 -3.01 -16.58
CA PRO A 659 -2.54 -2.80 -17.85
C PRO A 659 -2.38 -3.91 -18.87
N ALA A 660 -1.34 -4.75 -18.72
CA ALA A 660 -1.09 -5.87 -19.63
C ALA A 660 -1.76 -7.20 -19.23
N ALA A 661 -2.40 -7.25 -18.07
CA ALA A 661 -2.90 -8.51 -17.52
C ALA A 661 -4.25 -8.90 -18.12
N ASP A 662 -4.43 -10.20 -18.33
CA ASP A 662 -5.74 -10.74 -18.66
C ASP A 662 -6.47 -11.31 -17.44
N LEU A 663 -5.72 -11.99 -16.57
CA LEU A 663 -6.28 -12.69 -15.42
C LEU A 663 -5.55 -12.24 -14.18
N SER A 664 -6.33 -11.78 -13.19
CA SER A 664 -5.86 -11.30 -11.92
C SER A 664 -6.05 -12.38 -10.84
N GLU A 665 -4.97 -12.80 -10.21
CA GLU A 665 -5.01 -13.89 -9.22
C GLU A 665 -5.12 -13.29 -7.82
N GLN A 666 -6.25 -13.55 -7.17
CA GLN A 666 -6.57 -12.97 -5.85
C GLN A 666 -7.08 -14.10 -4.96
N ILE A 667 -6.14 -14.92 -4.48
CA ILE A 667 -6.45 -16.27 -4.06
C ILE A 667 -6.05 -16.59 -2.62
N SER A 668 -6.05 -15.57 -1.77
CA SER A 668 -5.85 -15.71 -0.34
C SER A 668 -6.93 -16.61 0.29
N THR A 669 -6.56 -17.31 1.35
CA THR A 669 -7.51 -18.12 2.10
C THR A 669 -8.60 -17.22 2.66
N ALA A 670 -9.86 -17.60 2.51
CA ALA A 670 -10.96 -16.74 2.98
C ALA A 670 -10.73 -16.34 4.46
N GLY A 671 -10.85 -15.05 4.73
CA GLY A 671 -10.66 -14.49 6.08
C GLY A 671 -9.29 -13.90 6.40
N THR A 672 -8.37 -13.90 5.44
CA THR A 672 -6.99 -13.48 5.71
C THR A 672 -6.59 -12.18 5.05
N GLU A 673 -7.06 -11.90 3.83
CA GLU A 673 -6.75 -10.63 3.18
C GLU A 673 -7.79 -9.58 3.59
N ALA A 674 -7.41 -8.62 4.44
CA ALA A 674 -8.39 -7.68 4.99
C ALA A 674 -9.19 -6.99 3.89
N SER A 675 -8.51 -6.55 2.84
CA SER A 675 -9.18 -5.96 1.70
C SER A 675 -8.53 -6.41 0.41
N GLY A 676 -7.26 -6.08 0.27
CA GLY A 676 -6.60 -6.07 -1.01
C GLY A 676 -6.87 -4.76 -1.71
N THR A 677 -5.90 -4.33 -2.50
CA THR A 677 -6.07 -3.21 -3.42
C THR A 677 -5.54 -3.49 -4.82
N GLY A 678 -4.55 -4.36 -4.95
CA GLY A 678 -4.16 -4.87 -6.26
C GLY A 678 -5.35 -5.37 -7.05
N ASN A 679 -6.23 -6.13 -6.37
CA ASN A 679 -7.46 -6.61 -6.99
C ASN A 679 -8.21 -5.52 -7.77
N MET A 680 -8.36 -4.37 -7.13
CA MET A 680 -9.07 -3.22 -7.70
C MET A 680 -8.35 -2.63 -8.91
N LYS A 681 -7.03 -2.58 -8.82
CA LYS A 681 -6.21 -2.03 -9.93
C LYS A 681 -6.42 -2.87 -11.16
N PHE A 682 -6.44 -4.19 -11.01
CA PHE A 682 -6.65 -5.09 -12.15
C PHE A 682 -8.04 -4.96 -12.77
N MET A 683 -9.06 -4.81 -11.93
CA MET A 683 -10.43 -4.66 -12.40
C MET A 683 -10.63 -3.42 -13.26
N LEU A 684 -10.02 -2.33 -12.83
CA LEU A 684 -10.07 -1.06 -13.55
C LEU A 684 -9.39 -1.10 -14.93
N ASN A 685 -8.41 -2.00 -15.07
CA ASN A 685 -7.58 -2.06 -16.24
C ASN A 685 -7.87 -3.19 -17.20
N GLY A 686 -9.00 -3.87 -17.03
CA GLY A 686 -9.49 -4.81 -18.06
C GLY A 686 -8.98 -6.23 -17.94
N ALA A 687 -8.63 -6.64 -16.71
CA ALA A 687 -8.41 -8.04 -16.39
C ALA A 687 -9.64 -8.61 -15.70
N LEU A 688 -9.88 -9.89 -15.91
CA LEU A 688 -10.88 -10.65 -15.15
C LEU A 688 -10.18 -11.21 -13.93
N THR A 689 -10.97 -11.53 -12.92
CA THR A 689 -10.43 -11.94 -11.63
C THR A 689 -10.80 -13.39 -11.32
N ILE A 690 -9.80 -14.16 -10.91
CA ILE A 690 -10.02 -15.47 -10.30
C ILE A 690 -9.69 -15.30 -8.83
N GLY A 691 -10.66 -15.56 -7.98
CA GLY A 691 -10.45 -15.28 -6.57
C GLY A 691 -11.41 -15.97 -5.62
N THR A 692 -10.98 -16.00 -4.39
CA THR A 692 -11.78 -16.42 -3.27
C THR A 692 -12.66 -15.28 -2.78
N MET A 693 -13.66 -15.64 -2.00
CA MET A 693 -14.56 -14.66 -1.39
C MET A 693 -13.89 -14.09 -0.12
N ASP A 694 -12.88 -13.25 -0.35
CA ASP A 694 -12.05 -12.70 0.70
C ASP A 694 -11.89 -11.22 0.47
N GLY A 695 -11.81 -10.46 1.57
CA GLY A 695 -11.56 -9.02 1.47
C GLY A 695 -12.52 -8.32 0.54
N ALA A 696 -12.00 -7.37 -0.22
CA ALA A 696 -12.81 -6.63 -1.15
C ALA A 696 -13.25 -7.44 -2.37
N ASN A 697 -12.66 -8.62 -2.61
CA ASN A 697 -13.17 -9.49 -3.70
C ASN A 697 -14.70 -9.68 -3.58
N VAL A 698 -15.20 -9.81 -2.36
CA VAL A 698 -16.64 -10.00 -2.13
C VAL A 698 -17.47 -8.85 -2.71
N GLU A 699 -17.03 -7.62 -2.45
CA GLU A 699 -17.71 -6.41 -2.94
C GLU A 699 -17.51 -6.19 -4.43
N MET A 700 -16.34 -6.56 -4.95
CA MET A 700 -16.12 -6.47 -6.40
C MET A 700 -17.09 -7.39 -7.17
N ALA A 701 -17.22 -8.63 -6.71
CA ALA A 701 -18.15 -9.60 -7.30
C ALA A 701 -19.61 -9.14 -7.21
N GLU A 702 -19.97 -8.54 -6.08
CA GLU A 702 -21.29 -7.97 -5.87
C GLU A 702 -21.57 -6.83 -6.84
N GLU A 703 -20.58 -5.96 -7.08
CA GLU A 703 -20.76 -4.86 -8.01
C GLU A 703 -20.85 -5.37 -9.44
N ALA A 704 -19.95 -6.26 -9.86
CA ALA A 704 -19.93 -6.71 -11.26
C ALA A 704 -21.00 -7.77 -11.59
N GLY A 705 -21.47 -8.49 -10.56
CA GLY A 705 -22.27 -9.69 -10.71
C GLY A 705 -21.38 -10.91 -10.62
N GLU A 706 -21.80 -11.91 -9.84
CA GLU A 706 -21.00 -13.12 -9.63
C GLU A 706 -20.75 -13.90 -10.93
N GLU A 707 -21.67 -13.79 -11.88
CA GLU A 707 -21.50 -14.38 -13.20
C GLU A 707 -20.32 -13.81 -14.00
N ASN A 708 -19.83 -12.62 -13.60
CA ASN A 708 -18.75 -11.93 -14.29
C ASN A 708 -17.44 -11.97 -13.54
N PHE A 709 -17.36 -12.92 -12.61
CA PHE A 709 -16.21 -13.13 -11.75
C PHE A 709 -15.94 -14.64 -11.67
N PHE A 710 -14.70 -15.03 -11.53
CA PHE A 710 -14.35 -16.45 -11.39
C PHE A 710 -14.11 -16.74 -9.91
N ILE A 711 -15.20 -17.01 -9.20
CA ILE A 711 -15.16 -17.28 -7.77
C ILE A 711 -14.98 -18.77 -7.53
N PHE A 712 -14.11 -19.11 -6.59
CA PHE A 712 -13.95 -20.50 -6.18
C PHE A 712 -13.58 -20.57 -4.70
N GLY A 713 -13.68 -21.78 -4.18
CA GLY A 713 -13.04 -22.12 -2.91
C GLY A 713 -13.91 -21.92 -1.67
N MET A 714 -13.32 -22.26 -0.53
CA MET A 714 -13.97 -22.13 0.76
C MET A 714 -14.32 -20.68 1.03
N ARG A 715 -15.52 -20.47 1.53
CA ARG A 715 -15.91 -19.23 2.20
C ARG A 715 -15.38 -19.23 3.64
N VAL A 716 -15.46 -18.09 4.31
CA VAL A 716 -15.01 -17.95 5.71
C VAL A 716 -15.63 -19.04 6.61
N GLU A 717 -16.92 -19.27 6.44
CA GLU A 717 -17.67 -20.25 7.25
C GLU A 717 -17.18 -21.67 7.00
N ASP A 718 -16.74 -21.97 5.77
CA ASP A 718 -16.18 -23.28 5.45
C ASP A 718 -14.81 -23.45 6.11
N VAL A 719 -14.02 -22.38 6.16
CA VAL A 719 -12.73 -22.45 6.83
C VAL A 719 -12.94 -22.77 8.32
N ASP A 720 -13.86 -22.05 8.94
CA ASP A 720 -14.23 -22.28 10.34
C ASP A 720 -14.70 -23.70 10.60
N ARG A 721 -15.52 -24.26 9.72
CA ARG A 721 -15.97 -25.67 9.86
C ARG A 721 -14.81 -26.65 9.78
N LEU A 722 -13.86 -26.41 8.86
CA LEU A 722 -12.66 -27.27 8.77
C LEU A 722 -11.77 -27.19 10.01
N ASP A 723 -11.63 -25.98 10.56
CA ASP A 723 -10.83 -25.75 11.78
C ASP A 723 -11.44 -26.46 13.00
N GLN A 724 -12.77 -26.51 13.09
CA GLN A 724 -13.42 -27.22 14.20
C GLN A 724 -13.21 -28.72 14.13
N ARG A 725 -13.23 -29.26 12.92
CA ARG A 725 -13.01 -30.69 12.68
C ARG A 725 -11.53 -31.08 12.77
N GLY A 726 -10.65 -30.18 12.33
CA GLY A 726 -9.21 -30.45 12.21
C GLY A 726 -8.84 -30.59 10.74
N TYR A 727 -7.98 -29.71 10.25
CA TYR A 727 -7.49 -29.79 8.88
C TYR A 727 -6.48 -30.92 8.78
N ASN A 728 -6.74 -31.88 7.91
CA ASN A 728 -5.84 -32.98 7.63
C ASN A 728 -5.49 -33.00 6.15
N ALA A 729 -4.31 -32.48 5.82
CA ALA A 729 -3.86 -32.37 4.43
C ALA A 729 -3.69 -33.72 3.75
N GLN A 730 -3.37 -34.75 4.53
CA GLN A 730 -3.16 -36.10 4.00
C GLN A 730 -4.40 -36.64 3.28
N GLU A 731 -5.58 -36.30 3.77
CA GLU A 731 -6.85 -36.69 3.13
C GLU A 731 -6.92 -36.25 1.66
N TYR A 732 -6.48 -35.03 1.37
CA TYR A 732 -6.49 -34.49 0.02
C TYR A 732 -5.46 -35.19 -0.86
N TYR A 733 -4.27 -35.38 -0.31
CA TYR A 733 -3.20 -36.16 -0.97
C TYR A 733 -3.66 -37.57 -1.33
N ASP A 734 -4.36 -38.23 -0.39
CA ASP A 734 -4.87 -39.57 -0.63
C ASP A 734 -5.96 -39.64 -1.70
N ARG A 735 -6.77 -38.60 -1.84
CA ARG A 735 -7.95 -38.63 -2.73
C ARG A 735 -7.76 -38.04 -4.11
N ILE A 736 -6.71 -37.26 -4.31
CA ILE A 736 -6.55 -36.50 -5.56
C ILE A 736 -5.24 -36.93 -6.22
N PRO A 737 -5.30 -37.85 -7.21
CA PRO A 737 -4.06 -38.36 -7.85
C PRO A 737 -3.16 -37.28 -8.44
N GLU A 738 -3.75 -36.25 -9.05
CA GLU A 738 -2.98 -35.16 -9.65
C GLU A 738 -2.17 -34.39 -8.60
N LEU A 739 -2.75 -34.25 -7.40
CA LEU A 739 -2.08 -33.59 -6.30
C LEU A 739 -0.94 -34.44 -5.74
N ARG A 740 -1.19 -35.73 -5.57
CA ARG A 740 -0.17 -36.67 -5.11
C ARG A 740 1.05 -36.68 -6.04
N GLN A 741 0.82 -36.70 -7.34
CA GLN A 741 1.90 -36.64 -8.32
C GLN A 741 2.79 -35.39 -8.11
N ILE A 742 2.17 -34.26 -7.87
CA ILE A 742 2.94 -33.02 -7.70
C ILE A 742 3.83 -33.07 -6.45
N ILE A 743 3.28 -33.60 -5.37
CA ILE A 743 4.00 -33.70 -4.11
C ILE A 743 5.17 -34.69 -4.24
N GLU A 744 4.93 -35.80 -4.92
CA GLU A 744 6.00 -36.75 -5.23
C GLU A 744 7.11 -36.11 -6.10
N GLN A 745 6.73 -35.29 -7.07
CA GLN A 745 7.71 -34.57 -7.88
C GLN A 745 8.56 -33.60 -7.05
N LEU A 746 7.91 -32.81 -6.20
CA LEU A 746 8.62 -31.90 -5.28
C LEU A 746 9.60 -32.64 -4.36
N SER A 747 9.12 -33.72 -3.74
CA SER A 747 9.91 -34.51 -2.77
C SER A 747 11.09 -35.22 -3.38
N SER A 748 10.93 -35.71 -4.61
CA SER A 748 11.91 -36.60 -5.21
C SER A 748 13.00 -35.85 -5.97
N GLY A 749 12.88 -34.54 -6.12
CA GLY A 749 13.92 -33.75 -6.77
C GLY A 749 13.70 -33.45 -8.25
N PHE A 750 12.49 -33.64 -8.75
CA PHE A 750 12.15 -33.34 -10.15
C PHE A 750 12.45 -31.87 -10.53
N PHE A 751 12.18 -30.94 -9.61
CA PHE A 751 12.41 -29.51 -9.85
C PHE A 751 13.74 -29.00 -9.27
N SER A 752 14.56 -29.89 -8.71
CA SER A 752 15.87 -29.53 -8.16
C SER A 752 16.83 -30.74 -8.27
N PRO A 753 17.18 -31.15 -9.51
CA PRO A 753 17.92 -32.42 -9.68
C PRO A 753 19.24 -32.52 -8.92
N LYS A 754 19.97 -31.41 -8.82
CA LYS A 754 21.25 -31.39 -8.10
C LYS A 754 21.12 -31.36 -6.57
N GLN A 755 19.98 -30.88 -6.07
CA GLN A 755 19.71 -30.80 -4.64
C GLN A 755 18.32 -31.42 -4.43
N PRO A 756 18.22 -32.77 -4.45
CA PRO A 756 16.91 -33.44 -4.43
C PRO A 756 16.01 -33.13 -3.25
N ASP A 757 16.58 -32.78 -2.09
CA ASP A 757 15.78 -32.42 -0.91
C ASP A 757 15.56 -30.90 -0.72
N LEU A 758 15.86 -30.09 -1.73
CA LEU A 758 15.79 -28.64 -1.59
C LEU A 758 14.42 -28.17 -1.07
N PHE A 759 13.34 -28.80 -1.53
CA PHE A 759 11.99 -28.35 -1.20
C PHE A 759 11.29 -29.11 -0.07
N LYS A 760 12.03 -29.86 0.74
CA LYS A 760 11.38 -30.69 1.79
C LYS A 760 10.68 -29.83 2.86
N ASP A 761 11.18 -28.63 3.14
CA ASP A 761 10.49 -27.72 4.08
C ASP A 761 9.12 -27.33 3.51
N ILE A 762 9.01 -27.11 2.20
CA ILE A 762 7.72 -26.75 1.58
C ILE A 762 6.74 -27.95 1.67
N VAL A 763 7.21 -29.14 1.31
CA VAL A 763 6.39 -30.36 1.39
C VAL A 763 5.93 -30.62 2.81
N ASN A 764 6.86 -30.52 3.77
CA ASN A 764 6.53 -30.78 5.16
C ASN A 764 5.46 -29.80 5.68
N MET A 765 5.59 -28.53 5.34
CA MET A 765 4.61 -27.54 5.73
C MET A 765 3.25 -27.85 5.11
N LEU A 766 3.21 -28.11 3.80
CA LEU A 766 1.92 -28.39 3.13
C LEU A 766 1.22 -29.64 3.71
N MET A 767 1.99 -30.68 4.02
CA MET A 767 1.45 -31.93 4.53
C MET A 767 1.06 -31.90 6.01
N HIS A 768 1.76 -31.11 6.83
CA HIS A 768 1.61 -31.20 8.30
C HIS A 768 1.33 -29.93 9.09
N HIS A 769 1.69 -28.75 8.58
CA HIS A 769 1.58 -27.51 9.33
CA HIS A 769 1.48 -27.50 9.34
C HIS A 769 1.09 -26.33 8.46
N ASP A 770 0.11 -26.57 7.59
CA ASP A 770 -0.37 -25.52 6.69
C ASP A 770 -1.54 -24.79 7.33
N ARG A 771 -1.27 -23.59 7.84
CA ARG A 771 -2.30 -22.75 8.44
C ARG A 771 -3.28 -22.21 7.39
N PHE A 772 -2.90 -22.24 6.11
CA PHE A 772 -3.70 -21.58 5.07
C PHE A 772 -4.40 -22.52 4.07
N LYS A 773 -4.36 -23.83 4.37
CA LYS A 773 -5.25 -24.82 3.75
C LYS A 773 -5.17 -24.83 2.21
N VAL A 774 -3.96 -24.86 1.70
CA VAL A 774 -3.70 -24.84 0.26
C VAL A 774 -4.39 -26.01 -0.43
N PHE A 775 -4.23 -27.21 0.09
CA PHE A 775 -4.81 -28.38 -0.53
C PHE A 775 -6.34 -28.33 -0.54
N ALA A 776 -6.95 -27.71 0.47
CA ALA A 776 -8.41 -27.69 0.58
C ALA A 776 -9.10 -26.94 -0.56
N ASP A 777 -8.41 -25.98 -1.19
CA ASP A 777 -8.97 -25.23 -2.30
C ASP A 777 -8.43 -25.67 -3.68
N TYR A 778 -7.59 -26.70 -3.73
CA TYR A 778 -6.90 -27.08 -4.96
C TYR A 778 -7.85 -27.53 -6.06
N GLU A 779 -8.73 -28.48 -5.74
CA GLU A 779 -9.62 -29.03 -6.74
C GLU A 779 -10.54 -27.97 -7.37
N GLU A 780 -11.17 -27.13 -6.55
CA GLU A 780 -12.05 -26.07 -7.05
C GLU A 780 -11.29 -25.00 -7.84
N TYR A 781 -10.05 -24.74 -7.42
CA TYR A 781 -9.20 -23.79 -8.13
C TYR A 781 -8.86 -24.26 -9.53
N VAL A 782 -8.44 -25.52 -9.66
CA VAL A 782 -8.12 -26.07 -10.99
C VAL A 782 -9.35 -26.09 -11.91
N LYS A 783 -10.50 -26.52 -11.38
CA LYS A 783 -11.75 -26.51 -12.16
C LYS A 783 -12.15 -25.12 -12.61
N CYS A 784 -12.01 -24.15 -11.71
CA CYS A 784 -12.32 -22.77 -12.03
C CYS A 784 -11.37 -22.21 -13.12
N GLN A 785 -10.08 -22.53 -13.00
CA GLN A 785 -9.10 -22.19 -14.04
C GLN A 785 -9.44 -22.77 -15.42
N GLU A 786 -10.03 -23.96 -15.46
CA GLU A 786 -10.51 -24.55 -16.74
C GLU A 786 -11.64 -23.70 -17.34
N ARG A 787 -12.51 -23.14 -16.49
CA ARG A 787 -13.54 -22.23 -16.98
C ARG A 787 -12.96 -20.93 -17.55
N VAL A 788 -11.84 -20.46 -16.98
CA VAL A 788 -11.17 -19.26 -17.46
C VAL A 788 -10.66 -19.51 -18.88
N SER A 789 -9.99 -20.65 -19.06
CA SER A 789 -9.47 -21.04 -20.37
C SER A 789 -10.56 -21.17 -21.42
N ALA A 790 -11.71 -21.72 -21.03
CA ALA A 790 -12.81 -21.88 -21.96
C ALA A 790 -13.33 -20.53 -22.43
N LEU A 791 -13.45 -19.57 -21.52
CA LEU A 791 -13.90 -18.22 -21.92
C LEU A 791 -12.90 -17.49 -22.79
N TYR A 792 -11.61 -17.70 -22.54
CA TYR A 792 -10.56 -17.01 -23.30
C TYR A 792 -10.54 -17.39 -24.78
N LYS A 793 -10.93 -18.63 -25.08
CA LYS A 793 -11.15 -19.11 -26.45
C LYS A 793 -12.20 -18.36 -27.27
N ASN A 794 -13.08 -17.62 -26.60
CA ASN A 794 -14.13 -16.81 -27.27
C ASN A 794 -13.86 -15.32 -26.97
N PRO A 795 -12.94 -14.69 -27.74
CA PRO A 795 -12.50 -13.32 -27.46
C PRO A 795 -13.63 -12.30 -27.30
N ARG A 796 -14.71 -12.44 -28.07
CA ARG A 796 -15.81 -11.47 -27.98
C ARG A 796 -16.52 -11.52 -26.62
N GLU A 797 -16.74 -12.73 -26.11
CA GLU A 797 -17.41 -12.90 -24.83
C GLU A 797 -16.50 -12.59 -23.66
N TRP A 798 -15.21 -12.92 -23.80
CA TRP A 798 -14.22 -12.49 -22.81
C TRP A 798 -14.25 -10.96 -22.69
N THR A 799 -14.20 -10.27 -23.83
CA THR A 799 -14.17 -8.81 -23.81
C THR A 799 -15.47 -8.19 -23.28
N ARG A 800 -16.60 -8.81 -23.59
CA ARG A 800 -17.87 -8.35 -23.03
C ARG A 800 -17.88 -8.48 -21.51
N MET A 801 -17.39 -9.60 -20.98
CA MET A 801 -17.24 -9.73 -19.53
C MET A 801 -16.29 -8.68 -18.91
N VAL A 802 -15.16 -8.42 -19.59
CA VAL A 802 -14.27 -7.33 -19.22
C VAL A 802 -15.00 -5.99 -19.11
N ILE A 803 -15.80 -5.66 -20.11
CA ILE A 803 -16.52 -4.37 -20.09
C ILE A 803 -17.43 -4.29 -18.87
N ARG A 804 -18.08 -5.40 -18.52
CA ARG A 804 -18.95 -5.45 -17.34
C ARG A 804 -18.18 -5.23 -16.03
N ASN A 805 -16.92 -5.65 -16.00
CA ASN A 805 -16.05 -5.40 -14.83
C ASN A 805 -15.62 -3.92 -14.76
N ILE A 806 -15.09 -3.40 -15.86
CA ILE A 806 -14.61 -2.01 -15.88
C ILE A 806 -15.75 -1.08 -15.54
N ALA A 807 -16.90 -1.33 -16.15
CA ALA A 807 -18.10 -0.50 -15.95
C ALA A 807 -18.61 -0.39 -14.51
N THR A 808 -18.31 -1.40 -13.68
CA THR A 808 -18.81 -1.49 -12.30
C THR A 808 -17.67 -1.30 -11.27
N SER A 809 -16.52 -0.81 -11.71
CA SER A 809 -15.40 -0.63 -10.81
C SER A 809 -15.45 0.72 -10.06
N GLY A 810 -16.44 1.56 -10.35
CA GLY A 810 -16.52 2.91 -9.78
C GLY A 810 -16.49 2.99 -8.26
N LYS A 811 -17.13 2.02 -7.59
CA LYS A 811 -17.14 1.97 -6.12
C LYS A 811 -15.71 1.96 -5.52
N PHE A 812 -14.74 1.48 -6.29
CA PHE A 812 -13.40 1.26 -5.77
C PHE A 812 -12.44 2.41 -5.98
N SER A 813 -12.97 3.56 -6.35
CA SER A 813 -12.25 4.81 -6.29
C SER A 813 -11.96 5.21 -4.84
N SER A 814 -10.71 5.57 -4.57
CA SER A 814 -10.36 6.13 -3.28
C SER A 814 -11.03 7.47 -3.01
N ASP A 815 -11.58 8.13 -4.05
CA ASP A 815 -12.40 9.31 -3.85
C ASP A 815 -13.66 8.97 -3.05
N ARG A 816 -14.25 7.80 -3.33
CA ARG A 816 -15.42 7.33 -2.60
C ARG A 816 -15.03 7.02 -1.15
N THR A 817 -13.94 6.30 -0.98
CA THR A 817 -13.44 5.95 0.34
C THR A 817 -13.22 7.21 1.20
N ILE A 818 -12.49 8.17 0.66
CA ILE A 818 -12.18 9.41 1.40
C ILE A 818 -13.42 10.25 1.72
N ALA A 819 -14.37 10.35 0.79
CA ALA A 819 -15.61 11.04 1.09
C ALA A 819 -16.36 10.40 2.29
N GLN A 820 -16.28 9.07 2.42
CA GLN A 820 -16.90 8.39 3.56
C GLN A 820 -16.14 8.65 4.87
N TYR A 821 -14.81 8.58 4.86
CA TYR A 821 -14.02 9.01 6.03
C TYR A 821 -14.35 10.45 6.44
N ALA A 822 -14.39 11.33 5.45
CA ALA A 822 -14.65 12.75 5.68
C ALA A 822 -16.01 12.98 6.36
N ARG A 823 -17.05 12.37 5.84
CA ARG A 823 -18.40 12.55 6.37
C ARG A 823 -18.69 11.78 7.66
N GLU A 824 -18.20 10.56 7.77
CA GLU A 824 -18.62 9.64 8.85
C GLU A 824 -17.63 9.58 10.01
N ILE A 825 -16.38 10.01 9.79
CA ILE A 825 -15.37 9.99 10.84
C ILE A 825 -14.87 11.38 11.17
N TRP A 826 -14.42 12.12 10.18
CA TRP A 826 -13.72 13.40 10.41
C TRP A 826 -14.63 14.59 10.58
N GLY A 827 -15.89 14.48 10.13
CA GLY A 827 -16.83 15.57 10.21
C GLY A 827 -16.52 16.77 9.33
N VAL A 828 -16.05 16.53 8.11
CA VAL A 828 -15.79 17.60 7.14
C VAL A 828 -16.46 17.26 5.81
N GLU A 829 -16.78 18.29 5.04
CA GLU A 829 -17.47 18.09 3.76
C GLU A 829 -16.45 18.17 2.62
N PRO A 830 -16.38 17.13 1.77
CA PRO A 830 -15.54 17.25 0.58
C PRO A 830 -16.05 18.30 -0.43
N SER A 831 -15.16 18.78 -1.28
CA SER A 831 -15.48 19.79 -2.28
C SER A 831 -14.76 19.50 -3.59
N ARG A 832 -15.49 19.61 -4.71
CA ARG A 832 -14.87 19.57 -6.04
C ARG A 832 -14.64 20.98 -6.61
N GLN A 833 -14.78 22.01 -5.76
CA GLN A 833 -14.54 23.40 -6.18
C GLN A 833 -13.04 23.65 -6.41
N ARG A 834 -12.73 24.33 -7.50
CA ARG A 834 -11.37 24.69 -7.88
C ARG A 834 -10.94 25.96 -7.17
N LEU A 835 -9.73 25.97 -6.61
CA LEU A 835 -9.09 27.21 -6.21
C LEU A 835 -8.68 27.96 -7.49
N PRO A 836 -8.59 29.30 -7.42
CA PRO A 836 -8.16 30.05 -8.62
C PRO A 836 -6.69 29.80 -8.93
N ALA A 837 -6.35 29.76 -10.22
CA ALA A 837 -4.98 29.53 -10.67
C ALA A 837 -4.11 30.78 -10.48
N1 PLP B . 2.61 -3.60 -3.84
C2 PLP B . 2.54 -2.68 -4.80
C2A PLP B . 3.77 -2.13 -5.46
C3 PLP B . 1.25 -2.14 -5.21
O3 PLP B . 1.14 -1.20 -6.18
C4 PLP B . 0.05 -2.69 -4.57
C4A PLP B . -1.32 -2.21 -4.93
C5 PLP B . 0.23 -3.69 -3.55
C6 PLP B . 1.51 -4.12 -3.23
C5A PLP B . -0.98 -4.30 -2.86
O4P PLP B . -1.43 -5.42 -3.66
P PLP B . -2.32 -6.58 -2.97
O1P PLP B . -2.45 -7.51 -4.15
O2P PLP B . -1.47 -7.10 -1.85
O3P PLP B . -3.57 -5.89 -2.49
C11 B0W C . 2.07 -3.90 7.13
C10 B0W C . 3.27 -3.71 7.83
C9 B0W C . 3.37 -4.11 9.18
C12 B0W C . 4.55 -3.91 9.93
O13 B0W C . 4.59 -4.12 11.17
O14 B0W C . 5.57 -3.43 9.39
C8 B0W C . 2.25 -4.68 9.79
C7 B0W C . 1.05 -4.87 9.09
C6 B0W C . 0.94 -4.49 7.74
C4 B0W C . -0.23 -4.64 7.07
N5 B0W C . -0.44 -4.41 5.75
N3 B0W C . -1.38 -5.02 7.64
N2 B0W C . -2.32 -5.04 6.70
C1 B0W C . -1.75 -4.67 5.56
C1' B0W C . -2.52 -4.56 4.24
O5' B0W C . -3.26 -3.33 4.26
C5' B0W C . -3.94 -3.12 3.00
C6' B0W C . -4.56 -1.76 3.00
O6' B0W C . -5.67 -1.80 3.92
C4' B0W C . -5.02 -4.23 2.74
O4' B0W C . -5.61 -4.02 1.45
C3' B0W C . -4.40 -5.60 2.81
O3' B0W C . -5.48 -6.56 2.79
C2' B0W C . -3.54 -5.75 4.11
O2' B0W C . -2.84 -7.01 4.14
P IMP D . 2.21 26.14 8.38
O1P IMP D . 2.26 24.80 7.68
O2P IMP D . 1.34 26.16 9.62
O3P IMP D . 3.55 26.79 8.54
O5' IMP D . 1.41 27.09 7.34
C5' IMP D . 2.05 27.64 6.19
C4' IMP D . 2.00 29.16 6.29
O4' IMP D . 0.68 29.61 6.60
C3' IMP D . 2.41 29.88 5.02
O3' IMP D . 2.24 29.06 3.87
C2' IMP D . 1.50 31.11 4.96
O2' IMP D . 0.84 31.23 3.69
C1' IMP D . 0.50 30.94 6.10
N9 IMP D . 0.82 31.93 7.16
C8 IMP D . 1.36 31.64 8.37
N7 IMP D . 1.52 32.78 9.10
C5 IMP D . 1.09 33.82 8.35
C6 IMP D . 0.98 35.29 8.50
O6 IMP D . 1.35 35.86 9.56
N1 IMP D . 0.48 36.00 7.48
C2 IMP D . 0.07 35.41 6.34
N3 IMP D . 0.14 34.09 6.13
C4 IMP D . 0.63 33.24 7.07
#